data_4CUN
#
_entry.id   4CUN
#
_cell.length_a   58.865
_cell.length_b   106.177
_cell.length_c   156.735
_cell.angle_alpha   90.00
_cell.angle_beta   90.00
_cell.angle_gamma   90.00
#
_symmetry.space_group_name_H-M   'P 21 21 21'
#
loop_
_entity.id
_entity.type
_entity.pdbx_description
1 polymer 'NITRIC OXIDE SYNTHASE, ENDOTHELIAL'
2 non-polymer ARGININE
3 non-polymer 'PROTOPORPHYRIN IX CONTAINING FE'
4 non-polymer (9aS)-2-amino-9a-methyl-8,9,9a,10-tetrahydrobenzo[g]pteridine-4,6(3H,7H)-dione
5 non-polymer 'ACETATE ION'
6 non-polymer GLYCEROL
7 non-polymer 'ZINC ION'
8 water water
#
_entity_poly.entity_id   1
_entity_poly.type   'polypeptide(L)'
_entity_poly.pdbx_seq_one_letter_code
;RAPAPATPHAPDHSPAPNSPTLTRPPEGPKFPRVKNWELGSITYDTLCAQSQQDGPCTPRRCLGSLVLPRKLQTRPSPGP
PPAEQLLSQARDFINQYYSSIKRSGSQAHEERLQEVEAEVASTGTYHLRESELVFGAKQAWRNAPRCVGRIQWGKLQVFD
ARDCSSAQEMFTYICNHIKYATNRGNLRSAITVFPQRAPGRGDFRIWNSQLVRYAGYRQQDGSVRGDPANVEITELCIQH
GWTPGNGRFDVLPLLLQAPDEAPELFVLPPELVLEVPLEHPTLEWFAALGLRWYALPAVSNMLLEIGGLEFSAAPFSGWY
MSTEIGTRNLCDPHRYNILEDVAV(CAS)MDLDTRTTSSLWKDKAAVEINLAVLHSFQLAKVTIVDHHAATVSFMKHLDN
EQKARGGCPADWAWIVPPISGSLTPVFHQEMVNYILSPAFRYQPDPW
;
_entity_poly.pdbx_strand_id   A,B
#
loop_
_chem_comp.id
_chem_comp.type
_chem_comp.name
_chem_comp.formula
ACT non-polymer 'ACETATE ION' 'C2 H3 O2 -1'
GOL non-polymer GLYCEROL 'C3 H8 O3'
HEM non-polymer 'PROTOPORPHYRIN IX CONTAINING FE' 'C34 H32 Fe N4 O4'
WS6 non-polymer (9aS)-2-amino-9a-methyl-8,9,9a,10-tetrahydrobenzo[g]pteridine-4,6(3H,7H)-dione 'C11 H13 N5 O2'
ZN non-polymer 'ZINC ION' 'Zn 2'
#
# COMPACT_ATOMS: atom_id res chain seq x y z
N GLY A 28 -23.72 -14.27 -4.05
CA GLY A 28 -23.60 -12.86 -3.58
C GLY A 28 -23.84 -11.89 -4.74
N PRO A 29 -23.90 -10.57 -4.44
CA PRO A 29 -23.96 -9.58 -5.54
C PRO A 29 -22.64 -9.58 -6.36
N LYS A 30 -22.72 -9.46 -7.71
CA LYS A 30 -21.49 -9.31 -8.53
C LYS A 30 -21.10 -7.85 -8.67
N PHE A 31 -20.50 -7.38 -7.59
CA PHE A 31 -19.80 -6.14 -7.47
C PHE A 31 -18.77 -6.53 -6.46
N PRO A 32 -17.68 -5.76 -6.38
CA PRO A 32 -16.58 -6.00 -5.46
C PRO A 32 -17.03 -6.16 -3.98
N ARG A 33 -16.68 -7.28 -3.38
CA ARG A 33 -16.78 -7.46 -1.94
C ARG A 33 -15.58 -6.84 -1.29
N VAL A 34 -15.83 -5.77 -0.54
CA VAL A 34 -14.84 -5.02 0.21
C VAL A 34 -14.98 -5.30 1.75
N LYS A 35 -13.87 -5.70 2.36
CA LYS A 35 -13.86 -6.09 3.76
C LYS A 35 -12.98 -5.19 4.59
N ASN A 36 -13.30 -5.02 5.87
CA ASN A 36 -12.44 -4.29 6.82
C ASN A 36 -12.01 -5.28 7.86
N TRP A 37 -10.71 -5.52 8.00
CA TRP A 37 -10.26 -6.68 8.77
C TRP A 37 -10.21 -6.46 10.25
N GLU A 38 -10.34 -5.21 10.64
CA GLU A 38 -10.32 -4.84 12.04
C GLU A 38 -11.72 -5.01 12.64
N LEU A 39 -12.74 -4.66 11.87
CA LEU A 39 -14.11 -4.63 12.33
C LEU A 39 -14.86 -5.83 11.83
N GLY A 40 -14.29 -6.49 10.83
CA GLY A 40 -14.87 -7.71 10.28
C GLY A 40 -16.09 -7.47 9.38
N SER A 41 -16.27 -6.24 8.90
CA SER A 41 -17.47 -5.84 8.19
C SER A 41 -17.31 -5.86 6.65
N ILE A 42 -18.42 -6.08 5.95
CA ILE A 42 -18.45 -6.20 4.50
C ILE A 42 -19.27 -5.07 3.87
N THR A 43 -18.81 -4.59 2.72
CA THR A 43 -19.66 -3.75 1.88
C THR A 43 -19.41 -4.25 0.51
N TYR A 44 -20.30 -3.84 -0.38
CA TYR A 44 -20.16 -4.05 -1.82
C TYR A 44 -20.14 -2.71 -2.53
N ASP A 45 -19.21 -2.55 -3.48
CA ASP A 45 -19.04 -1.28 -4.14
C ASP A 45 -19.78 -1.39 -5.46
N THR A 46 -20.91 -0.69 -5.54
CA THR A 46 -21.73 -0.70 -6.71
C THR A 46 -21.46 0.56 -7.53
N LEU A 47 -20.73 1.49 -6.90
CA LEU A 47 -20.42 2.76 -7.54
C LEU A 47 -19.51 2.59 -8.75
N CYS A 48 -18.58 1.63 -8.67
CA CYS A 48 -17.60 1.41 -9.72
C CYS A 48 -18.24 1.09 -11.05
N ALA A 49 -19.54 0.80 -11.00
CA ALA A 49 -20.29 0.41 -12.17
C ALA A 49 -20.45 1.62 -13.09
N GLN A 50 -20.22 2.82 -12.52
CA GLN A 50 -20.41 4.11 -13.24
C GLN A 50 -19.18 4.53 -14.05
N SER A 51 -18.04 3.91 -13.74
CA SER A 51 -16.78 4.28 -14.36
C SER A 51 -16.88 4.10 -15.85
N GLN A 52 -16.64 5.18 -16.59
CA GLN A 52 -16.65 5.16 -18.04
C GLN A 52 -15.26 4.79 -18.47
N GLN A 53 -14.29 5.46 -17.84
CA GLN A 53 -12.87 5.31 -18.12
C GLN A 53 -12.26 4.05 -17.50
N ASP A 54 -11.24 3.52 -18.19
CA ASP A 54 -10.44 2.37 -17.73
C ASP A 54 -9.10 2.84 -17.18
N GLY A 55 -8.55 2.09 -16.22
CA GLY A 55 -7.24 2.40 -15.65
C GLY A 55 -6.24 1.37 -16.15
N PRO A 56 -5.18 1.12 -15.38
CA PRO A 56 -4.08 0.34 -15.92
C PRO A 56 -4.12 -1.21 -15.68
N CYS A 57 -4.88 -1.68 -14.69
CA CYS A 57 -4.93 -3.11 -14.43
C CYS A 57 -5.59 -3.89 -15.51
N THR A 58 -5.19 -5.16 -15.61
CA THR A 58 -5.83 -6.16 -16.45
C THR A 58 -5.91 -7.41 -15.57
N PRO A 59 -6.71 -8.41 -15.99
CA PRO A 59 -6.80 -9.65 -15.24
C PRO A 59 -5.45 -10.32 -15.04
N ARG A 60 -4.60 -10.25 -16.05
CA ARG A 60 -3.28 -10.89 -16.05
C ARG A 60 -2.29 -10.20 -15.09
N ARG A 61 -2.30 -8.86 -15.03
CA ARG A 61 -1.42 -8.20 -14.08
C ARG A 61 -1.95 -6.93 -13.49
N CYS A 62 -1.76 -6.81 -12.18
CA CYS A 62 -2.18 -5.62 -11.44
C CYS A 62 -1.13 -4.49 -11.44
N LEU A 63 -1.54 -3.30 -11.86
CA LEU A 63 -0.64 -2.15 -11.91
C LEU A 63 -1.01 -1.02 -10.94
N GLY A 64 -1.88 -1.32 -9.98
CA GLY A 64 -2.29 -0.33 -8.98
C GLY A 64 -1.26 0.50 -8.22
N SER A 65 0.00 0.05 -8.20
CA SER A 65 1.07 0.72 -7.41
C SER A 65 1.83 1.84 -8.16
N LEU A 66 1.67 1.92 -9.49
CA LEU A 66 2.36 2.94 -10.32
C LEU A 66 1.72 4.31 -10.17
N VAL A 67 2.57 5.33 -10.15
CA VAL A 67 2.15 6.70 -9.90
C VAL A 67 1.39 7.27 -11.10
N LEU A 68 1.99 7.22 -12.28
CA LEU A 68 1.25 7.49 -13.50
C LEU A 68 1.32 6.28 -14.43
N PRO A 69 0.18 5.56 -14.56
CA PRO A 69 -0.05 4.46 -15.50
C PRO A 69 0.14 4.85 -17.02
N ARG A 70 1.13 4.21 -17.65
CA ARG A 70 1.65 4.55 -19.01
C ARG A 70 0.71 5.43 -19.85
N PRO A 82 -13.06 16.89 -30.80
CA PRO A 82 -13.18 15.54 -30.21
C PRO A 82 -14.43 14.73 -30.63
N ALA A 83 -15.45 15.42 -31.16
CA ALA A 83 -16.64 14.85 -31.85
C ALA A 83 -17.88 14.46 -31.01
N GLU A 84 -18.47 13.31 -31.35
CA GLU A 84 -19.63 12.75 -30.64
C GLU A 84 -19.22 12.22 -29.27
N GLN A 85 -17.91 12.04 -29.10
CA GLN A 85 -17.31 11.64 -27.83
C GLN A 85 -17.64 12.65 -26.74
N LEU A 86 -17.48 13.94 -27.07
CA LEU A 86 -17.75 15.04 -26.14
C LEU A 86 -19.20 15.00 -25.72
N LEU A 87 -20.08 14.77 -26.70
CA LEU A 87 -21.51 14.76 -26.43
C LEU A 87 -21.87 13.82 -25.27
N SER A 88 -21.47 12.55 -25.35
CA SER A 88 -21.83 11.62 -24.29
C SER A 88 -21.15 11.85 -22.94
N GLN A 89 -19.96 12.46 -22.97
CA GLN A 89 -19.35 12.91 -21.70
C GLN A 89 -20.16 14.08 -21.11
N ALA A 90 -20.61 14.98 -21.99
CA ALA A 90 -21.35 16.15 -21.60
C ALA A 90 -22.74 15.78 -21.09
N ARG A 91 -23.40 14.88 -21.81
CA ARG A 91 -24.73 14.35 -21.45
C ARG A 91 -24.76 13.69 -20.09
N ASP A 92 -23.69 12.97 -19.78
CA ASP A 92 -23.57 12.26 -18.52
C ASP A 92 -23.34 13.25 -17.40
N PHE A 93 -22.49 14.26 -17.65
CA PHE A 93 -22.27 15.26 -16.62
C PHE A 93 -23.56 16.06 -16.29
N ILE A 94 -24.21 16.62 -17.30
CA ILE A 94 -25.54 17.24 -17.06
C ILE A 94 -26.48 16.36 -16.23
N ASN A 95 -26.54 15.06 -16.54
CA ASN A 95 -27.34 14.12 -15.75
C ASN A 95 -26.83 14.02 -14.31
N GLN A 96 -25.52 14.01 -14.10
CA GLN A 96 -25.06 14.04 -12.72
C GLN A 96 -25.56 15.30 -12.00
N TYR A 97 -25.58 16.40 -12.76
CA TYR A 97 -25.88 17.69 -12.17
C TYR A 97 -27.32 17.70 -11.80
N TYR A 98 -28.16 17.37 -12.75
CA TYR A 98 -29.59 17.45 -12.52
C TYR A 98 -30.08 16.45 -11.48
N SER A 99 -29.41 15.33 -11.45
CA SER A 99 -29.53 14.38 -10.39
C SER A 99 -29.21 15.03 -9.05
N SER A 100 -28.04 15.66 -8.92
CA SER A 100 -27.58 16.19 -7.63
C SER A 100 -28.54 17.21 -7.06
N ILE A 101 -29.18 17.98 -7.94
CA ILE A 101 -30.19 18.92 -7.44
C ILE A 101 -31.57 18.26 -7.43
N LYS A 102 -31.59 16.93 -7.51
CA LYS A 102 -32.83 16.12 -7.58
C LYS A 102 -33.90 16.63 -8.59
N ARG A 103 -33.52 16.67 -9.89
CA ARG A 103 -34.39 17.14 -11.02
C ARG A 103 -34.33 16.28 -12.31
N SER A 104 -33.87 15.02 -12.21
CA SER A 104 -33.78 14.11 -13.37
C SER A 104 -35.13 13.99 -14.06
N GLY A 105 -35.16 14.08 -15.40
CA GLY A 105 -36.41 13.97 -16.20
C GLY A 105 -37.17 15.29 -16.39
N SER A 106 -36.87 16.27 -15.54
CA SER A 106 -37.52 17.57 -15.56
C SER A 106 -37.31 18.30 -16.87
N GLN A 107 -38.00 19.42 -17.03
CA GLN A 107 -37.95 20.20 -18.25
C GLN A 107 -36.71 21.08 -18.29
N ALA A 108 -36.33 21.65 -17.15
CA ALA A 108 -35.09 22.40 -17.13
C ALA A 108 -33.98 21.44 -17.66
N HIS A 109 -33.99 20.20 -17.17
CA HIS A 109 -33.05 19.12 -17.52
C HIS A 109 -32.93 18.79 -18.98
N GLU A 110 -34.03 18.38 -19.63
CA GLU A 110 -34.04 18.03 -21.09
C GLU A 110 -33.77 19.27 -21.96
N GLU A 111 -34.23 20.43 -21.49
CA GLU A 111 -33.92 21.72 -22.10
C GLU A 111 -32.44 22.04 -22.08
N ARG A 112 -31.82 21.72 -20.96
CA ARG A 112 -30.39 21.91 -20.80
C ARG A 112 -29.60 20.96 -21.71
N LEU A 113 -30.05 19.70 -21.80
CA LEU A 113 -29.44 18.72 -22.68
C LEU A 113 -29.50 19.15 -24.12
N GLN A 114 -30.64 19.71 -24.53
CA GLN A 114 -30.79 20.19 -25.90
C GLN A 114 -29.85 21.35 -26.19
N GLU A 115 -29.72 22.24 -25.21
CA GLU A 115 -28.95 23.45 -25.38
C GLU A 115 -27.46 23.13 -25.53
N VAL A 116 -27.02 22.16 -24.74
CA VAL A 116 -25.67 21.65 -24.81
C VAL A 116 -25.37 21.06 -26.19
N GLU A 117 -26.22 20.16 -26.67
CA GLU A 117 -25.96 19.55 -27.96
C GLU A 117 -26.23 20.44 -29.17
N ALA A 118 -26.94 21.53 -28.97
CA ALA A 118 -27.04 22.55 -30.01
C ALA A 118 -25.69 23.24 -30.12
N GLU A 119 -25.06 23.45 -28.97
CA GLU A 119 -23.79 24.18 -28.92
C GLU A 119 -22.58 23.32 -29.36
N VAL A 120 -22.62 22.02 -29.07
CA VAL A 120 -21.61 21.16 -29.66
C VAL A 120 -21.93 21.06 -31.15
N ALA A 121 -23.22 20.90 -31.47
CA ALA A 121 -23.66 20.84 -32.87
C ALA A 121 -22.97 21.90 -33.73
N SER A 122 -23.00 23.16 -33.31
CA SER A 122 -22.47 24.20 -34.17
C SER A 122 -21.01 24.60 -33.89
N THR A 123 -20.61 24.71 -32.62
CA THR A 123 -19.26 25.20 -32.30
C THR A 123 -18.25 24.12 -31.89
N GLY A 124 -18.70 22.86 -31.89
CA GLY A 124 -17.81 21.75 -31.65
C GLY A 124 -17.47 21.66 -30.18
N THR A 125 -18.07 22.54 -29.38
CA THR A 125 -17.80 22.62 -27.94
C THR A 125 -19.00 23.20 -27.18
N TYR A 126 -18.88 23.36 -25.86
CA TYR A 126 -19.91 24.01 -25.01
C TYR A 126 -19.36 24.61 -23.70
N HIS A 127 -20.17 25.43 -23.03
CA HIS A 127 -19.80 26.18 -21.81
C HIS A 127 -20.64 25.69 -20.67
N LEU A 128 -20.19 25.88 -19.42
CA LEU A 128 -20.91 25.41 -18.22
C LEU A 128 -21.56 26.55 -17.47
N ARG A 129 -22.76 26.35 -16.96
CA ARG A 129 -23.33 27.38 -16.11
C ARG A 129 -22.51 27.50 -14.83
N GLU A 130 -22.63 28.63 -14.18
CA GLU A 130 -21.86 28.90 -12.99
C GLU A 130 -21.98 27.69 -12.04
N SER A 131 -23.19 27.32 -11.65
CA SER A 131 -23.33 26.32 -10.59
C SER A 131 -23.07 24.93 -11.08
N GLU A 132 -23.15 24.73 -12.38
CA GLU A 132 -22.61 23.53 -12.98
C GLU A 132 -21.09 23.44 -12.74
N LEU A 133 -20.39 24.56 -12.78
CA LEU A 133 -18.94 24.54 -12.57
C LEU A 133 -18.63 24.21 -11.09
N VAL A 134 -19.32 24.89 -10.20
CA VAL A 134 -19.17 24.67 -8.76
C VAL A 134 -19.44 23.21 -8.41
N PHE A 135 -20.54 22.66 -8.93
CA PHE A 135 -20.85 21.26 -8.73
C PHE A 135 -19.74 20.32 -9.19
N GLY A 136 -19.20 20.56 -10.38
CA GLY A 136 -18.26 19.66 -11.02
C GLY A 136 -16.91 19.73 -10.34
N ALA A 137 -16.47 20.93 -10.03
CA ALA A 137 -15.28 21.08 -9.23
C ALA A 137 -15.35 20.24 -7.94
N LYS A 138 -16.43 20.39 -7.18
CA LYS A 138 -16.56 19.66 -5.90
C LYS A 138 -16.52 18.15 -6.16
N GLN A 139 -17.20 17.76 -7.21
CA GLN A 139 -17.36 16.38 -7.55
C GLN A 139 -15.97 15.81 -7.84
N ALA A 140 -15.22 16.47 -8.74
CA ALA A 140 -13.84 16.04 -9.07
C ALA A 140 -13.04 15.77 -7.82
N TRP A 141 -13.15 16.63 -6.84
CA TRP A 141 -12.49 16.41 -5.57
C TRP A 141 -12.99 15.20 -4.86
N ARG A 142 -14.31 15.10 -4.73
CA ARG A 142 -14.97 13.96 -4.12
C ARG A 142 -14.60 12.61 -4.79
N ASN A 143 -14.36 12.65 -6.10
CA ASN A 143 -13.95 11.52 -6.92
C ASN A 143 -12.47 11.15 -6.88
N ALA A 144 -11.63 12.00 -6.26
CA ALA A 144 -10.17 11.84 -6.40
C ALA A 144 -9.67 10.69 -5.55
N PRO A 145 -9.20 9.63 -6.20
CA PRO A 145 -8.91 8.41 -5.42
C PRO A 145 -7.72 8.49 -4.48
N ARG A 146 -6.90 9.53 -4.61
CA ARG A 146 -5.68 9.60 -3.83
C ARG A 146 -5.75 10.59 -2.68
N CYS A 147 -6.89 11.26 -2.55
CA CYS A 147 -6.99 12.28 -1.56
C CYS A 147 -7.64 11.76 -0.26
N VAL A 148 -6.88 11.75 0.82
CA VAL A 148 -7.41 11.32 2.12
C VAL A 148 -8.29 12.34 2.80
N GLY A 149 -8.36 13.58 2.30
CA GLY A 149 -9.08 14.63 3.04
C GLY A 149 -10.54 14.81 2.63
N ARG A 150 -11.10 13.83 1.93
CA ARG A 150 -12.38 14.02 1.21
C ARG A 150 -13.65 14.22 2.11
N ILE A 151 -13.54 13.97 3.41
CA ILE A 151 -14.61 14.29 4.31
C ILE A 151 -15.02 15.77 4.07
N GLN A 152 -14.08 16.58 3.60
CA GLN A 152 -14.28 18.01 3.43
C GLN A 152 -14.84 18.43 2.07
N TRP A 153 -15.11 17.43 1.21
CA TRP A 153 -15.40 17.70 -0.23
C TRP A 153 -16.50 18.72 -0.51
N GLY A 154 -17.48 18.84 0.39
CA GLY A 154 -18.63 19.69 0.15
C GLY A 154 -18.38 21.12 0.54
N LYS A 155 -17.23 21.36 1.15
CA LYS A 155 -16.88 22.70 1.55
C LYS A 155 -15.62 23.13 0.81
N LEU A 156 -15.85 23.78 -0.31
CA LEU A 156 -14.80 24.20 -1.24
C LEU A 156 -15.28 25.51 -1.83
N GLN A 157 -14.50 26.58 -1.75
CA GLN A 157 -14.86 27.81 -2.38
C GLN A 157 -14.32 27.81 -3.80
N VAL A 158 -15.18 28.02 -4.78
CA VAL A 158 -14.82 27.88 -6.19
C VAL A 158 -14.81 29.26 -6.80
N PHE A 159 -13.62 29.74 -7.14
CA PHE A 159 -13.50 31.05 -7.78
C PHE A 159 -13.56 30.91 -9.27
N ASP A 160 -14.64 31.38 -9.88
CA ASP A 160 -14.73 31.35 -11.31
C ASP A 160 -13.69 32.33 -11.82
N ALA A 161 -12.81 31.91 -12.73
CA ALA A 161 -11.87 32.84 -13.35
C ALA A 161 -11.84 32.65 -14.85
N ARG A 162 -12.97 32.18 -15.39
CA ARG A 162 -13.11 31.86 -16.80
C ARG A 162 -13.17 33.09 -17.65
N ASP A 163 -13.03 34.24 -17.01
CA ASP A 163 -12.96 35.50 -17.75
C ASP A 163 -11.53 35.93 -18.03
N CYS A 164 -10.58 35.38 -17.28
CA CYS A 164 -9.15 35.68 -17.42
C CYS A 164 -8.63 35.82 -18.87
N SER A 165 -7.94 36.91 -19.19
CA SER A 165 -7.50 37.12 -20.57
C SER A 165 -5.99 37.29 -20.73
N SER A 166 -5.26 37.39 -19.62
CA SER A 166 -3.82 37.59 -19.70
C SER A 166 -3.08 36.88 -18.58
N ALA A 167 -1.78 36.70 -18.78
CA ALA A 167 -0.91 36.21 -17.73
C ALA A 167 -0.85 37.19 -16.53
N GLN A 168 -0.90 38.50 -16.80
CA GLN A 168 -1.08 39.49 -15.72
C GLN A 168 -2.32 39.13 -14.87
N GLU A 169 -3.46 38.96 -15.55
CA GLU A 169 -4.69 38.69 -14.85
C GLU A 169 -4.58 37.40 -14.00
N MET A 170 -4.08 36.31 -14.58
CA MET A 170 -3.81 35.08 -13.81
C MET A 170 -3.08 35.35 -12.50
N PHE A 171 -2.12 36.27 -12.52
CA PHE A 171 -1.36 36.58 -11.31
C PHE A 171 -2.28 37.16 -10.25
N THR A 172 -3.13 38.09 -10.65
CA THR A 172 -4.04 38.68 -9.69
C THR A 172 -4.95 37.65 -9.05
N TYR A 173 -5.50 36.74 -9.84
CA TYR A 173 -6.41 35.72 -9.33
C TYR A 173 -5.70 34.81 -8.38
N ILE A 174 -4.44 34.49 -8.70
CA ILE A 174 -3.70 33.51 -7.89
C ILE A 174 -3.42 34.12 -6.53
N CYS A 175 -3.01 35.39 -6.57
CA CYS A 175 -2.76 36.16 -5.38
C CYS A 175 -3.99 36.23 -4.53
N ASN A 176 -5.12 36.53 -5.17
CA ASN A 176 -6.41 36.53 -4.49
C ASN A 176 -6.74 35.20 -3.82
N HIS A 177 -6.54 34.12 -4.57
CA HIS A 177 -6.76 32.77 -4.08
C HIS A 177 -5.93 32.54 -2.85
N ILE A 178 -4.63 32.87 -2.92
CA ILE A 178 -3.72 32.62 -1.81
C ILE A 178 -4.14 33.39 -0.58
N LYS A 179 -4.59 34.63 -0.80
CA LYS A 179 -5.08 35.51 0.25
C LYS A 179 -6.26 34.86 0.96
N TYR A 180 -7.25 34.45 0.16
CA TYR A 180 -8.46 33.86 0.70
C TYR A 180 -8.17 32.57 1.42
N ALA A 181 -7.42 31.70 0.74
CA ALA A 181 -7.24 30.33 1.20
C ALA A 181 -6.46 30.29 2.51
N THR A 182 -5.52 31.25 2.66
CA THR A 182 -4.54 31.25 3.75
C THR A 182 -5.24 31.76 4.98
N ASN A 183 -5.83 32.94 4.82
CA ASN A 183 -6.73 33.49 5.79
C ASN A 183 -6.02 33.56 7.15
N ARG A 184 -4.78 34.09 7.08
CA ARG A 184 -3.90 34.30 8.23
C ARG A 184 -3.70 33.04 9.10
N GLY A 185 -3.70 31.87 8.46
CA GLY A 185 -3.42 30.65 9.16
C GLY A 185 -4.62 29.80 9.43
N ASN A 186 -5.81 30.36 9.20
CA ASN A 186 -7.04 29.62 9.47
C ASN A 186 -7.65 29.14 8.12
N LEU A 187 -7.06 28.08 7.56
CA LEU A 187 -7.12 27.79 6.13
C LEU A 187 -8.48 27.35 5.61
N ARG A 188 -8.80 27.80 4.41
CA ARG A 188 -10.06 27.49 3.74
C ARG A 188 -9.76 26.87 2.37
N SER A 189 -10.41 25.74 2.10
CA SER A 189 -10.24 25.01 0.84
C SER A 189 -10.82 25.75 -0.34
N ALA A 190 -10.08 25.82 -1.43
CA ALA A 190 -10.53 26.63 -2.54
C ALA A 190 -9.89 26.21 -3.83
N ILE A 191 -10.49 26.65 -4.92
CA ILE A 191 -10.00 26.34 -6.24
C ILE A 191 -10.31 27.55 -7.12
N THR A 192 -9.42 27.86 -8.04
CA THR A 192 -9.66 28.90 -9.02
C THR A 192 -9.69 28.25 -10.39
N VAL A 193 -10.65 28.61 -11.21
CA VAL A 193 -10.82 27.93 -12.51
C VAL A 193 -10.64 28.88 -13.70
N PHE A 194 -9.56 28.68 -14.42
CA PHE A 194 -9.26 29.55 -15.59
C PHE A 194 -9.95 29.04 -16.84
N PRO A 195 -9.92 29.84 -17.94
CA PRO A 195 -10.63 29.36 -19.12
C PRO A 195 -10.21 27.94 -19.57
N GLN A 196 -11.19 27.17 -20.02
CA GLN A 196 -10.97 25.84 -20.53
C GLN A 196 -10.29 25.88 -21.88
N ARG A 197 -9.91 24.70 -22.34
CA ARG A 197 -9.29 24.45 -23.64
C ARG A 197 -10.23 24.80 -24.79
N ALA A 198 -9.66 25.18 -25.93
CA ALA A 198 -10.49 25.47 -27.08
C ALA A 198 -9.87 25.03 -28.42
N PRO A 199 -10.74 24.64 -29.38
CA PRO A 199 -10.44 24.40 -30.79
C PRO A 199 -9.40 25.35 -31.37
N GLY A 200 -8.21 24.82 -31.64
CA GLY A 200 -7.09 25.56 -32.25
C GLY A 200 -6.61 26.84 -31.55
N ARG A 201 -6.63 26.82 -30.22
CA ARG A 201 -6.21 27.96 -29.38
C ARG A 201 -5.50 27.43 -28.10
N GLY A 202 -4.29 27.93 -27.89
CA GLY A 202 -3.36 27.40 -26.90
C GLY A 202 -3.85 27.49 -25.49
N ASP A 203 -3.39 26.56 -24.67
CA ASP A 203 -3.88 26.37 -23.30
C ASP A 203 -3.53 27.47 -22.35
N PHE A 204 -4.25 27.52 -21.24
CA PHE A 204 -3.88 28.30 -20.09
C PHE A 204 -3.11 27.31 -19.22
N ARG A 205 -1.94 27.70 -18.77
CA ARG A 205 -1.07 26.80 -18.00
C ARG A 205 -0.34 27.55 -16.91
N ILE A 206 -0.37 26.98 -15.73
CA ILE A 206 0.57 27.34 -14.70
C ILE A 206 1.74 26.33 -14.78
N TRP A 207 2.95 26.81 -15.07
CA TRP A 207 4.08 25.91 -15.20
C TRP A 207 4.41 25.24 -13.87
N ASN A 208 4.44 25.99 -12.76
CA ASN A 208 4.80 25.37 -11.49
C ASN A 208 3.87 24.23 -11.11
N SER A 209 4.41 23.27 -10.38
CA SER A 209 3.62 22.14 -9.94
C SER A 209 2.77 22.53 -8.72
N GLN A 210 3.28 23.40 -7.86
CA GLN A 210 2.40 24.00 -6.84
C GLN A 210 2.51 25.52 -6.91
N LEU A 211 1.49 26.24 -6.44
CA LEU A 211 1.62 27.71 -6.39
C LEU A 211 2.81 28.13 -5.54
N VAL A 212 3.07 27.38 -4.47
CA VAL A 212 4.21 27.67 -3.56
C VAL A 212 5.15 26.47 -3.53
N ARG A 213 6.38 26.69 -3.99
CA ARG A 213 7.41 25.64 -4.01
C ARG A 213 8.78 26.23 -3.68
N TYR A 214 9.61 25.45 -2.99
CA TYR A 214 10.98 25.86 -2.72
C TYR A 214 11.87 25.51 -3.89
N ALA A 215 12.87 26.36 -4.12
CA ALA A 215 13.84 26.19 -5.20
C ALA A 215 14.81 25.05 -4.91
N GLY A 216 15.33 24.47 -6.00
CA GLY A 216 16.36 23.44 -5.99
C GLY A 216 17.47 23.88 -6.94
N TYR A 217 18.66 24.07 -6.39
CA TYR A 217 19.80 24.48 -7.18
C TYR A 217 20.78 23.31 -7.31
N ARG A 218 21.17 23.02 -8.54
CA ARG A 218 22.18 22.02 -8.85
C ARG A 218 23.58 22.62 -8.60
N GLN A 219 24.51 21.81 -8.09
CA GLN A 219 25.92 22.22 -7.86
C GLN A 219 26.83 21.36 -8.75
N GLN A 220 28.11 21.72 -8.91
CA GLN A 220 29.05 20.79 -9.57
C GLN A 220 29.34 19.61 -8.63
N ASP A 221 29.47 19.91 -7.33
CA ASP A 221 29.72 18.87 -6.29
C ASP A 221 28.62 17.84 -6.26
N GLY A 222 27.74 17.95 -7.27
CA GLY A 222 26.74 16.93 -7.59
C GLY A 222 25.42 17.17 -6.90
N SER A 223 25.51 17.64 -5.65
CA SER A 223 24.34 17.75 -4.75
C SER A 223 23.33 18.83 -5.20
N VAL A 224 22.24 18.93 -4.45
CA VAL A 224 21.20 19.88 -4.75
C VAL A 224 20.93 20.73 -3.54
N ARG A 225 20.94 22.04 -3.73
CA ARG A 225 20.56 22.88 -2.63
C ARG A 225 19.09 23.25 -2.79
N GLY A 226 18.35 22.93 -1.75
CA GLY A 226 16.95 23.21 -1.72
C GLY A 226 16.20 21.90 -1.89
N ASP A 227 15.11 21.98 -2.61
CA ASP A 227 14.23 20.87 -2.75
C ASP A 227 14.45 20.19 -4.09
N PRO A 228 15.06 18.99 -4.08
CA PRO A 228 15.50 18.45 -5.38
C PRO A 228 14.37 18.15 -6.36
N ALA A 229 13.15 18.00 -5.85
CA ALA A 229 11.96 17.82 -6.70
C ALA A 229 11.79 18.97 -7.65
N ASN A 230 12.16 20.16 -7.23
CA ASN A 230 11.87 21.38 -7.96
C ASN A 230 12.99 21.89 -8.83
N VAL A 231 13.94 21.01 -9.11
CA VAL A 231 15.12 21.41 -9.82
C VAL A 231 14.78 21.92 -11.20
N GLU A 232 13.96 21.16 -11.92
CA GLU A 232 13.64 21.52 -13.28
C GLU A 232 12.91 22.86 -13.35
N ILE A 233 11.88 23.05 -12.53
CA ILE A 233 11.12 24.30 -12.58
C ILE A 233 12.02 25.49 -12.20
N THR A 234 13.01 25.23 -11.36
CA THR A 234 13.94 26.26 -10.95
C THR A 234 14.80 26.65 -12.11
N GLU A 235 15.39 25.66 -12.77
CA GLU A 235 16.26 25.93 -13.91
C GLU A 235 15.41 26.69 -14.91
N LEU A 236 14.22 26.17 -15.20
CA LEU A 236 13.29 26.85 -16.12
C LEU A 236 12.96 28.31 -15.77
N CYS A 237 12.73 28.63 -14.50
CA CYS A 237 12.53 30.03 -14.13
C CYS A 237 13.77 30.92 -14.43
N ILE A 238 14.95 30.45 -14.06
CA ILE A 238 16.19 31.16 -14.38
C ILE A 238 16.34 31.39 -15.89
N GLN A 239 16.09 30.33 -16.66
CA GLN A 239 16.13 30.38 -18.12
C GLN A 239 15.20 31.43 -18.71
N HIS A 240 14.09 31.72 -18.00
CA HIS A 240 13.09 32.72 -18.41
C HIS A 240 13.31 34.05 -17.72
N GLY A 241 14.44 34.17 -17.03
CA GLY A 241 14.93 35.46 -16.56
C GLY A 241 14.72 35.78 -15.10
N TRP A 242 14.70 34.76 -14.25
CA TRP A 242 14.65 35.01 -12.83
C TRP A 242 16.03 35.20 -12.22
N THR A 243 16.13 36.08 -11.25
CA THR A 243 17.33 36.12 -10.41
C THR A 243 17.23 35.18 -9.21
N PRO A 244 17.91 34.03 -9.29
CA PRO A 244 17.97 33.02 -8.25
C PRO A 244 18.47 33.53 -6.89
N GLY A 245 17.97 32.93 -5.80
CA GLY A 245 18.57 33.10 -4.46
C GLY A 245 19.60 32.00 -4.26
N ASN A 246 19.85 31.59 -3.02
CA ASN A 246 20.69 30.40 -2.80
C ASN A 246 20.62 29.82 -1.37
N GLY A 247 19.39 29.76 -0.87
CA GLY A 247 19.10 29.15 0.42
C GLY A 247 18.42 27.83 0.18
N ARG A 248 18.20 27.08 1.26
CA ARG A 248 17.55 25.79 1.14
C ARG A 248 16.06 25.97 0.87
N PHE A 249 15.55 27.19 1.10
CA PHE A 249 14.12 27.50 1.24
C PHE A 249 13.63 28.78 0.52
N ASP A 250 14.12 29.02 -0.69
CA ASP A 250 13.70 30.21 -1.44
C ASP A 250 12.41 29.89 -2.15
N VAL A 251 11.37 30.68 -1.89
CA VAL A 251 10.08 30.54 -2.55
C VAL A 251 10.27 30.87 -4.02
N LEU A 252 9.83 29.97 -4.90
CA LEU A 252 9.96 30.17 -6.36
C LEU A 252 8.95 31.17 -6.88
N PRO A 253 9.29 31.87 -7.98
CA PRO A 253 8.36 32.74 -8.67
C PRO A 253 7.42 31.91 -9.53
N LEU A 254 6.23 32.44 -9.83
CA LEU A 254 5.29 31.75 -10.71
C LEU A 254 5.70 31.94 -12.15
N LEU A 255 5.47 30.94 -12.97
CA LEU A 255 5.64 31.11 -14.39
C LEU A 255 4.25 30.84 -14.97
N LEU A 256 3.64 31.88 -15.54
CA LEU A 256 2.21 31.84 -15.93
C LEU A 256 1.96 31.95 -17.43
N GLN A 257 1.24 30.99 -18.01
CA GLN A 257 1.12 30.94 -19.48
C GLN A 257 -0.30 31.14 -19.92
N ALA A 258 -0.45 32.10 -20.84
CA ALA A 258 -1.69 32.47 -21.47
C ALA A 258 -1.71 31.97 -22.90
N PRO A 259 -2.92 31.77 -23.48
CA PRO A 259 -3.06 31.26 -24.83
C PRO A 259 -2.07 31.76 -25.87
N ASP A 260 -1.37 30.80 -26.49
CA ASP A 260 -0.48 31.06 -27.62
C ASP A 260 0.58 32.12 -27.31
N GLU A 261 1.07 32.13 -26.07
CA GLU A 261 2.17 33.00 -25.70
C GLU A 261 3.19 32.27 -24.88
N ALA A 262 4.43 32.77 -24.90
CA ALA A 262 5.48 32.37 -23.98
C ALA A 262 5.01 32.73 -22.55
N PRO A 263 5.52 32.03 -21.52
CA PRO A 263 5.10 32.32 -20.14
C PRO A 263 5.58 33.68 -19.68
N GLU A 264 5.09 34.16 -18.55
CA GLU A 264 5.63 35.35 -17.92
C GLU A 264 5.99 35.05 -16.48
N LEU A 265 6.92 35.82 -15.97
CA LEU A 265 7.49 35.57 -14.67
C LEU A 265 6.77 36.41 -13.66
N PHE A 266 6.50 35.87 -12.50
CA PHE A 266 5.86 36.64 -11.43
C PHE A 266 6.33 36.21 -10.04
N VAL A 267 6.79 37.18 -9.25
CA VAL A 267 7.21 36.98 -7.87
C VAL A 267 6.07 37.26 -6.89
N LEU A 268 5.83 36.28 -6.02
CA LEU A 268 4.88 36.41 -4.90
C LEU A 268 5.32 37.43 -3.86
N PRO A 269 4.47 38.42 -3.56
CA PRO A 269 4.79 39.29 -2.44
C PRO A 269 4.95 38.44 -1.16
N PRO A 270 6.12 38.53 -0.53
CA PRO A 270 6.44 37.66 0.60
C PRO A 270 5.42 37.66 1.73
N GLU A 271 4.70 38.76 1.92
CA GLU A 271 3.73 38.80 3.00
C GLU A 271 2.51 37.91 2.70
N LEU A 272 2.24 37.68 1.42
CA LEU A 272 1.21 36.73 1.07
C LEU A 272 1.55 35.27 1.38
N VAL A 273 2.85 34.92 1.38
CA VAL A 273 3.26 33.51 1.46
C VAL A 273 3.51 33.11 2.91
N LEU A 274 2.51 32.56 3.59
CA LEU A 274 2.68 32.25 5.00
C LEU A 274 3.55 30.99 5.18
N GLU A 275 4.51 31.07 6.10
CA GLU A 275 5.44 29.99 6.36
C GLU A 275 5.54 29.72 7.83
N VAL A 276 5.95 28.49 8.15
CA VAL A 276 5.97 28.05 9.53
C VAL A 276 7.38 27.55 9.85
N PRO A 277 8.09 28.29 10.75
CA PRO A 277 9.39 27.85 11.19
C PRO A 277 9.19 26.63 12.10
N LEU A 278 10.11 25.67 12.04
CA LEU A 278 9.91 24.39 12.70
C LEU A 278 10.66 24.30 13.97
N GLU A 279 9.99 23.84 15.02
CA GLU A 279 10.66 23.59 16.30
C GLU A 279 10.09 22.38 17.03
N HIS A 280 10.81 21.89 18.02
CA HIS A 280 10.35 20.73 18.72
C HIS A 280 9.79 21.16 20.05
N PRO A 281 8.78 20.46 20.58
CA PRO A 281 8.26 20.90 21.87
C PRO A 281 9.24 20.72 23.02
N THR A 282 10.16 19.76 22.92
CA THR A 282 11.14 19.49 24.01
C THR A 282 12.61 19.42 23.59
N LEU A 283 12.86 19.23 22.30
CA LEU A 283 14.21 19.20 21.78
C LEU A 283 14.59 20.60 21.31
N GLU A 284 15.31 21.30 22.17
CA GLU A 284 15.58 22.73 22.00
C GLU A 284 16.38 23.09 20.74
N TRP A 285 17.19 22.13 20.27
CA TRP A 285 18.09 22.31 19.12
C TRP A 285 17.43 22.18 17.80
N PHE A 286 16.26 21.56 17.74
CA PHE A 286 15.64 21.32 16.46
C PHE A 286 15.41 22.67 15.81
N ALA A 287 15.13 23.68 16.64
CA ALA A 287 14.80 25.04 16.18
C ALA A 287 15.95 25.58 15.38
N ALA A 288 17.13 25.23 15.87
CA ALA A 288 18.38 25.65 15.28
C ALA A 288 18.63 25.03 13.88
N LEU A 289 18.05 23.88 13.54
CA LEU A 289 18.22 23.36 12.17
C LEU A 289 17.81 24.37 11.08
N GLY A 290 17.04 25.39 11.49
CA GLY A 290 16.50 26.41 10.61
C GLY A 290 15.56 25.87 9.54
N LEU A 291 14.99 24.69 9.79
CA LEU A 291 13.96 24.14 8.93
C LEU A 291 12.65 24.95 8.94
N ARG A 292 11.95 24.99 7.82
CA ARG A 292 10.68 25.71 7.73
C ARG A 292 9.75 25.04 6.71
N TRP A 293 8.47 25.39 6.74
CA TRP A 293 7.58 24.94 5.67
C TRP A 293 6.54 25.99 5.43
N TYR A 294 5.88 25.92 4.27
CA TYR A 294 4.87 26.91 3.91
C TYR A 294 3.50 26.38 4.23
N ALA A 295 2.62 27.25 4.66
CA ALA A 295 1.28 26.86 5.13
C ALA A 295 0.37 26.24 4.09
N LEU A 296 0.51 26.62 2.83
CA LEU A 296 -0.55 26.35 1.85
C LEU A 296 -0.15 25.39 0.74
N PRO A 297 -0.75 24.19 0.74
CA PRO A 297 -0.46 23.26 -0.32
C PRO A 297 -1.42 23.49 -1.45
N ALA A 298 -0.92 23.90 -2.61
CA ALA A 298 -1.75 24.35 -3.73
C ALA A 298 -1.36 23.78 -5.11
N VAL A 299 -1.86 22.61 -5.41
CA VAL A 299 -1.51 21.90 -6.61
C VAL A 299 -1.95 22.69 -7.81
N SER A 300 -0.99 23.07 -8.65
CA SER A 300 -1.34 23.99 -9.71
C SER A 300 -1.19 23.39 -11.09
N ASN A 301 -0.82 22.12 -11.16
CA ASN A 301 -0.49 21.54 -12.46
C ASN A 301 -1.47 20.50 -12.95
N MET A 302 -2.54 20.25 -12.20
CA MET A 302 -3.47 19.17 -12.57
C MET A 302 -4.69 19.66 -13.38
N LEU A 303 -4.95 19.00 -14.51
CA LEU A 303 -6.08 19.30 -15.40
C LEU A 303 -7.39 18.85 -14.75
N LEU A 304 -8.40 19.72 -14.78
CA LEU A 304 -9.69 19.47 -14.13
C LEU A 304 -10.71 19.18 -15.24
N GLU A 305 -11.21 17.96 -15.28
CA GLU A 305 -12.09 17.60 -16.39
C GLU A 305 -13.52 17.47 -15.88
N ILE A 306 -14.42 18.14 -16.61
CA ILE A 306 -15.82 18.21 -16.26
C ILE A 306 -16.60 18.08 -17.54
N GLY A 307 -17.52 17.11 -17.58
CA GLY A 307 -18.37 16.89 -18.71
C GLY A 307 -17.63 16.94 -20.05
N GLY A 308 -16.35 16.56 -20.00
CA GLY A 308 -15.52 16.48 -21.18
C GLY A 308 -14.79 17.75 -21.53
N LEU A 309 -15.20 18.85 -20.91
CA LEU A 309 -14.49 20.11 -21.04
C LEU A 309 -13.25 19.97 -20.16
N GLU A 310 -12.14 20.60 -20.59
CA GLU A 310 -10.83 20.41 -19.98
C GLU A 310 -10.25 21.71 -19.45
N PHE A 311 -10.09 21.81 -18.14
CA PHE A 311 -9.56 23.02 -17.53
C PHE A 311 -8.10 22.82 -17.10
N SER A 312 -7.17 23.26 -17.95
CA SER A 312 -5.74 22.98 -17.74
C SER A 312 -5.09 23.87 -16.67
N ALA A 313 -5.78 24.91 -16.28
CA ALA A 313 -5.24 25.74 -15.26
C ALA A 313 -6.37 25.95 -14.30
N ALA A 314 -6.24 25.30 -13.15
CA ALA A 314 -7.27 25.27 -12.13
C ALA A 314 -6.69 24.77 -10.80
N PRO A 315 -5.79 25.56 -10.22
CA PRO A 315 -5.16 25.28 -8.92
C PRO A 315 -6.13 25.18 -7.76
N PHE A 316 -5.95 24.14 -6.98
CA PHE A 316 -6.70 23.93 -5.75
C PHE A 316 -5.79 23.81 -4.56
N SER A 317 -6.32 24.17 -3.41
CA SER A 317 -5.57 24.07 -2.15
C SER A 317 -6.46 23.64 -1.00
N GLY A 318 -5.82 23.03 0.00
CA GLY A 318 -6.52 22.61 1.20
C GLY A 318 -5.72 23.05 2.40
N TRP A 319 -5.53 22.13 3.34
CA TRP A 319 -4.49 22.25 4.32
C TRP A 319 -3.77 20.96 4.38
N TYR A 320 -2.56 20.99 4.91
CA TYR A 320 -1.65 19.84 4.94
C TYR A 320 -2.08 18.71 5.91
N MET A 321 -1.63 17.49 5.67
CA MET A 321 -1.61 16.49 6.71
C MET A 321 -0.16 16.31 7.15
N SER A 322 0.02 16.25 8.48
CA SER A 322 1.32 16.29 9.11
C SER A 322 2.38 15.51 8.29
N THR A 323 2.00 14.31 7.86
CA THR A 323 2.99 13.45 7.27
C THR A 323 3.50 13.94 5.90
N GLU A 324 2.72 14.73 5.17
CA GLU A 324 3.24 15.21 3.87
C GLU A 324 4.56 15.99 4.03
N ILE A 325 4.62 16.86 5.04
CA ILE A 325 5.80 17.71 5.26
C ILE A 325 6.81 16.90 6.03
N GLY A 326 6.33 16.42 7.19
CA GLY A 326 7.13 15.71 8.15
C GLY A 326 7.76 14.42 7.67
N THR A 327 7.10 13.64 6.83
CA THR A 327 7.72 12.41 6.40
C THR A 327 8.23 12.49 4.96
N ARG A 328 7.41 12.93 4.02
CA ARG A 328 7.82 12.85 2.62
C ARG A 328 8.76 13.96 2.22
N ASN A 329 8.34 15.21 2.42
CA ASN A 329 9.07 16.41 2.06
C ASN A 329 10.39 16.48 2.78
N LEU A 330 10.37 16.30 4.10
CA LEU A 330 11.62 16.34 4.90
C LEU A 330 12.46 15.03 5.05
N CYS A 331 11.85 13.85 4.91
CA CYS A 331 12.65 12.63 4.98
C CYS A 331 12.85 11.77 3.72
N ASP A 332 12.15 12.03 2.63
CA ASP A 332 12.40 11.21 1.43
C ASP A 332 13.86 11.24 1.02
N PRO A 333 14.40 10.11 0.56
CA PRO A 333 15.83 10.17 0.32
C PRO A 333 16.15 11.12 -0.82
N HIS A 334 15.13 11.43 -1.63
CA HIS A 334 15.31 12.27 -2.81
C HIS A 334 14.73 13.66 -2.64
N ARG A 335 14.43 14.06 -1.39
CA ARG A 335 13.95 15.39 -1.08
C ARG A 335 14.94 16.01 -0.08
N TYR A 336 14.49 16.59 1.05
CA TYR A 336 15.42 17.16 2.04
C TYR A 336 16.25 16.12 2.80
N ASN A 337 15.75 14.89 2.93
CA ASN A 337 16.59 13.81 3.38
C ASN A 337 17.32 14.14 4.70
N ILE A 338 16.59 14.67 5.68
CA ILE A 338 17.15 15.19 6.94
C ILE A 338 17.25 14.14 8.06
N LEU A 339 16.76 12.95 7.78
CA LEU A 339 16.69 11.91 8.80
C LEU A 339 18.07 11.71 9.49
N GLU A 340 19.12 11.58 8.68
CA GLU A 340 20.44 11.34 9.24
C GLU A 340 20.86 12.54 10.09
N ASP A 341 20.80 13.75 9.52
CA ASP A 341 21.13 14.94 10.29
C ASP A 341 20.48 14.88 11.67
N VAL A 342 19.19 14.58 11.72
CA VAL A 342 18.44 14.69 12.96
C VAL A 342 18.79 13.57 13.91
N ALA A 343 19.01 12.38 13.36
CA ALA A 343 19.35 11.23 14.17
C ALA A 343 20.68 11.42 14.91
N VAL A 344 21.67 11.96 14.19
CA VAL A 344 22.91 12.39 14.79
C VAL A 344 22.63 13.37 15.95
N CAS A 345 21.69 14.32 15.78
CA CAS A 345 21.46 15.28 16.86
CB CAS A 345 20.60 16.43 16.41
C CAS A 345 20.82 14.64 18.08
O CAS A 345 21.07 15.06 19.21
SG CAS A 345 21.13 17.31 14.92
AS CAS A 345 22.22 19.43 16.38
CE1 CAS A 345 23.27 19.50 14.68
CE2 CAS A 345 22.76 18.95 18.26
N MET A 346 20.00 13.63 17.83
CA MET A 346 19.31 12.86 18.86
C MET A 346 20.25 11.90 19.52
N ASP A 347 21.42 11.73 18.91
CA ASP A 347 22.50 10.88 19.43
C ASP A 347 22.19 9.40 19.21
N LEU A 348 21.49 9.08 18.13
CA LEU A 348 21.15 7.70 17.83
C LEU A 348 22.31 7.03 17.09
N ASP A 349 22.32 5.69 17.14
CA ASP A 349 23.34 4.89 16.49
C ASP A 349 22.90 4.64 15.06
N THR A 350 23.57 5.26 14.12
CA THR A 350 23.12 5.27 12.73
C THR A 350 23.95 4.31 11.92
N ARG A 351 24.79 3.56 12.63
CA ARG A 351 25.64 2.57 12.01
C ARG A 351 24.84 1.29 11.82
N THR A 352 23.65 1.22 12.42
CA THR A 352 22.91 -0.04 12.41
C THR A 352 21.40 0.13 12.24
N THR A 353 20.83 -0.63 11.32
CA THR A 353 19.40 -0.49 11.05
C THR A 353 18.56 -0.91 12.26
N SER A 354 19.08 -1.85 13.06
CA SER A 354 18.32 -2.48 14.15
C SER A 354 18.12 -1.62 15.38
N SER A 355 18.67 -0.40 15.35
CA SER A 355 18.43 0.55 16.43
C SER A 355 17.15 1.36 16.14
N LEU A 356 16.61 1.17 14.94
CA LEU A 356 15.42 1.90 14.51
C LEU A 356 15.64 3.40 14.60
N TRP A 357 16.87 3.83 14.34
CA TRP A 357 17.17 5.25 14.33
C TRP A 357 16.35 5.98 13.30
N LYS A 358 16.14 5.37 12.14
CA LYS A 358 15.36 6.07 11.13
C LYS A 358 13.96 6.33 11.66
N ASP A 359 13.39 5.36 12.38
CA ASP A 359 12.03 5.47 12.94
C ASP A 359 11.95 6.54 14.04
N LYS A 360 12.92 6.52 14.95
CA LYS A 360 12.92 7.45 16.07
C LYS A 360 13.02 8.91 15.60
N ALA A 361 13.96 9.17 14.70
CA ALA A 361 14.08 10.51 14.09
C ALA A 361 12.77 10.92 13.43
N ALA A 362 12.19 10.03 12.64
CA ALA A 362 10.94 10.37 11.93
C ALA A 362 9.80 10.79 12.85
N VAL A 363 9.61 10.04 13.93
CA VAL A 363 8.52 10.34 14.85
C VAL A 363 8.74 11.76 15.32
N GLU A 364 9.97 12.05 15.71
CA GLU A 364 10.28 13.33 16.29
C GLU A 364 10.17 14.49 15.32
N ILE A 365 10.46 14.25 14.05
CA ILE A 365 10.29 15.29 13.02
C ILE A 365 8.81 15.56 12.81
N ASN A 366 8.05 14.51 12.52
CA ASN A 366 6.59 14.67 12.44
C ASN A 366 6.05 15.43 13.65
N LEU A 367 6.46 15.04 14.87
CA LEU A 367 6.02 15.79 16.04
C LEU A 367 6.32 17.27 15.90
N ALA A 368 7.53 17.60 15.45
CA ALA A 368 7.93 19.01 15.31
C ALA A 368 7.09 19.75 14.27
N VAL A 369 6.78 19.08 13.15
CA VAL A 369 5.91 19.73 12.17
C VAL A 369 4.58 20.13 12.80
N LEU A 370 3.94 19.16 13.50
CA LEU A 370 2.62 19.37 14.13
C LEU A 370 2.67 20.46 15.16
N HIS A 371 3.64 20.36 16.05
CA HIS A 371 3.77 21.31 17.14
C HIS A 371 3.94 22.73 16.63
N SER A 372 4.83 22.88 15.68
CA SER A 372 5.11 24.18 15.12
C SER A 372 3.89 24.80 14.47
N PHE A 373 3.14 24.04 13.66
CA PHE A 373 1.87 24.56 13.11
C PHE A 373 0.83 24.93 14.17
N GLN A 374 0.72 24.08 15.21
CA GLN A 374 -0.21 24.33 16.31
C GLN A 374 0.17 25.62 17.01
N LEU A 375 1.44 25.73 17.38
CA LEU A 375 1.96 27.00 17.89
C LEU A 375 1.65 28.18 16.97
N ALA A 376 1.85 28.01 15.66
CA ALA A 376 1.74 29.11 14.75
C ALA A 376 0.28 29.44 14.45
N LYS A 377 -0.62 28.54 14.87
CA LYS A 377 -2.10 28.66 14.65
C LYS A 377 -2.48 28.59 13.17
N VAL A 378 -1.86 27.64 12.49
CA VAL A 378 -2.04 27.33 11.09
C VAL A 378 -2.62 25.90 11.07
N THR A 379 -3.62 25.73 10.24
CA THR A 379 -4.44 24.54 10.20
C THR A 379 -3.49 23.46 9.81
N ILE A 380 -3.58 22.33 10.50
CA ILE A 380 -2.96 21.11 10.06
C ILE A 380 -3.74 19.94 10.62
N VAL A 381 -3.57 18.78 9.99
CA VAL A 381 -4.16 17.56 10.51
C VAL A 381 -3.15 16.40 10.56
N ASP A 382 -3.09 15.72 11.70
CA ASP A 382 -2.19 14.56 11.91
C ASP A 382 -2.76 13.33 11.23
N HIS A 383 -1.90 12.36 10.92
CA HIS A 383 -2.32 11.23 10.11
C HIS A 383 -3.32 10.34 10.80
N HIS A 384 -3.42 10.43 12.12
CA HIS A 384 -4.47 9.71 12.82
C HIS A 384 -5.82 10.33 12.62
N ALA A 385 -5.96 11.60 13.00
CA ALA A 385 -7.26 12.29 12.87
C ALA A 385 -7.73 12.18 11.42
N ALA A 386 -6.82 12.54 10.49
CA ALA A 386 -7.07 12.43 9.06
C ALA A 386 -7.65 11.09 8.70
N THR A 387 -6.90 10.00 8.87
CA THR A 387 -7.49 8.72 8.49
C THR A 387 -8.78 8.34 9.21
N VAL A 388 -8.92 8.69 10.48
CA VAL A 388 -10.17 8.45 11.19
C VAL A 388 -11.29 9.16 10.45
N SER A 389 -11.00 10.31 9.83
CA SER A 389 -12.10 11.04 9.18
C SER A 389 -12.39 10.46 7.80
N PHE A 390 -11.40 9.79 7.22
CA PHE A 390 -11.63 9.19 5.95
C PHE A 390 -12.50 7.97 6.13
N MET A 391 -12.36 7.31 7.27
CA MET A 391 -13.20 6.15 7.53
C MET A 391 -14.66 6.61 7.59
N LYS A 392 -14.87 7.78 8.16
CA LYS A 392 -16.18 8.39 8.28
C LYS A 392 -16.66 8.80 6.87
N HIS A 393 -15.74 9.30 6.08
CA HIS A 393 -16.04 9.58 4.70
C HIS A 393 -16.46 8.35 3.94
N LEU A 394 -15.78 7.22 4.19
CA LEU A 394 -16.05 5.96 3.45
C LEU A 394 -17.48 5.46 3.70
N ASP A 395 -17.85 5.56 4.97
CA ASP A 395 -19.18 5.21 5.40
C ASP A 395 -20.26 6.17 4.85
N ASN A 396 -20.01 7.50 4.86
CA ASN A 396 -20.99 8.46 4.28
C ASN A 396 -21.18 8.10 2.79
N GLU A 397 -20.07 7.87 2.09
CA GLU A 397 -20.20 7.59 0.65
C GLU A 397 -20.85 6.23 0.37
N GLN A 398 -20.77 5.32 1.33
CA GLN A 398 -21.34 4.02 1.11
C GLN A 398 -22.83 4.26 0.99
N LYS A 399 -23.40 4.87 2.01
CA LYS A 399 -24.78 5.31 1.99
C LYS A 399 -25.23 6.10 0.79
N ALA A 400 -24.41 7.06 0.37
CA ALA A 400 -24.80 8.06 -0.67
C ALA A 400 -24.65 7.65 -2.14
N ARG A 401 -23.74 6.72 -2.44
CA ARG A 401 -23.33 6.45 -3.81
C ARG A 401 -22.99 5.00 -3.98
N GLY A 402 -22.76 4.30 -2.87
CA GLY A 402 -22.61 2.88 -2.95
C GLY A 402 -21.17 2.47 -3.15
N GLY A 403 -20.25 3.32 -2.71
CA GLY A 403 -18.85 3.10 -2.91
C GLY A 403 -18.08 4.39 -2.90
N CYS A 404 -16.76 4.25 -2.88
CA CYS A 404 -15.88 5.39 -2.85
C CYS A 404 -14.58 4.87 -3.42
N PRO A 405 -14.17 5.43 -4.58
CA PRO A 405 -12.96 4.98 -5.25
C PRO A 405 -11.78 5.44 -4.41
N ALA A 406 -10.83 4.56 -4.17
CA ALA A 406 -9.76 4.94 -3.28
C ALA A 406 -8.50 4.17 -3.56
N ASP A 407 -7.38 4.90 -3.55
CA ASP A 407 -6.10 4.29 -3.83
C ASP A 407 -5.30 4.00 -2.52
N TRP A 408 -5.36 2.77 -2.06
CA TRP A 408 -4.77 2.35 -0.81
C TRP A 408 -3.32 2.77 -0.58
N ALA A 409 -2.42 2.40 -1.49
CA ALA A 409 -1.00 2.77 -1.41
C ALA A 409 -0.85 4.28 -1.15
N TRP A 410 -1.89 5.04 -1.48
CA TRP A 410 -1.84 6.50 -1.44
C TRP A 410 -2.59 7.02 -0.29
N ILE A 411 -3.61 6.32 0.21
CA ILE A 411 -4.37 6.73 1.38
C ILE A 411 -3.71 6.38 2.73
N VAL A 412 -3.00 5.26 2.78
CA VAL A 412 -2.27 4.82 3.98
C VAL A 412 -1.05 5.77 4.16
N PRO A 413 -0.88 6.35 5.36
CA PRO A 413 0.22 7.28 5.55
C PRO A 413 1.57 6.60 5.49
N PRO A 414 2.60 7.40 5.21
CA PRO A 414 3.87 6.80 4.96
C PRO A 414 4.68 6.56 6.25
N ILE A 415 4.12 6.92 7.39
CA ILE A 415 4.52 6.29 8.66
C ILE A 415 3.31 5.74 9.37
N SER A 416 3.53 4.74 10.21
CA SER A 416 2.51 4.26 11.12
C SER A 416 1.29 3.67 10.43
N GLY A 417 1.46 3.17 9.23
CA GLY A 417 0.35 2.68 8.44
C GLY A 417 -0.62 1.81 9.21
N SER A 418 -0.16 0.66 9.70
CA SER A 418 -1.07 -0.28 10.32
C SER A 418 -1.59 0.26 11.66
N LEU A 419 -0.97 1.31 12.15
CA LEU A 419 -1.46 1.99 13.34
C LEU A 419 -2.69 2.85 13.07
N THR A 420 -3.08 2.97 11.80
CA THR A 420 -4.25 3.77 11.46
C THR A 420 -5.42 2.89 10.91
N PRO A 421 -6.67 3.33 11.10
CA PRO A 421 -7.69 2.41 10.64
C PRO A 421 -7.70 2.10 9.11
N VAL A 422 -7.35 3.04 8.24
CA VAL A 422 -7.48 2.75 6.80
C VAL A 422 -6.62 1.57 6.35
N PHE A 423 -5.52 1.32 7.02
CA PHE A 423 -4.68 0.19 6.60
C PHE A 423 -5.51 -1.12 6.62
N HIS A 424 -6.45 -1.27 7.55
CA HIS A 424 -7.17 -2.50 7.64
C HIS A 424 -8.38 -2.52 6.77
N GLN A 425 -8.54 -1.46 5.97
CA GLN A 425 -9.73 -1.33 5.16
C GLN A 425 -9.41 -1.66 3.67
N GLU A 426 -10.00 -2.70 3.08
CA GLU A 426 -9.83 -2.91 1.66
C GLU A 426 -10.54 -1.78 0.91
N MET A 427 -10.04 -1.51 -0.29
CA MET A 427 -10.50 -0.39 -1.07
C MET A 427 -10.46 -0.82 -2.52
N VAL A 428 -11.37 -0.25 -3.31
CA VAL A 428 -11.50 -0.41 -4.75
C VAL A 428 -11.08 0.89 -5.35
N ASN A 429 -10.28 0.82 -6.41
CA ASN A 429 -9.87 2.03 -7.11
C ASN A 429 -10.44 2.03 -8.49
N TYR A 430 -10.99 3.17 -8.94
CA TYR A 430 -11.52 3.30 -10.30
C TYR A 430 -11.65 4.74 -10.65
N ILE A 431 -11.66 5.05 -11.94
CA ILE A 431 -11.78 6.44 -12.36
C ILE A 431 -13.22 6.91 -12.56
N LEU A 432 -13.63 7.90 -11.79
CA LEU A 432 -14.93 8.57 -12.00
C LEU A 432 -14.70 9.94 -12.56
N SER A 433 -15.69 10.47 -13.24
CA SER A 433 -15.57 11.78 -13.83
C SER A 433 -16.75 12.61 -13.39
N PRO A 434 -16.56 13.91 -13.03
CA PRO A 434 -15.39 14.80 -13.02
C PRO A 434 -14.18 14.31 -12.26
N ALA A 435 -13.03 14.74 -12.70
CA ALA A 435 -11.80 14.21 -12.17
C ALA A 435 -10.72 15.28 -12.29
N PHE A 436 -9.80 15.19 -11.34
CA PHE A 436 -8.49 15.83 -11.43
C PHE A 436 -7.56 14.83 -12.09
N ARG A 437 -6.81 15.28 -13.10
CA ARG A 437 -6.00 14.40 -13.92
C ARG A 437 -4.64 15.02 -14.10
N TYR A 438 -3.60 14.19 -14.13
CA TYR A 438 -2.24 14.61 -14.50
C TYR A 438 -2.20 15.04 -15.97
N GLN A 439 -1.26 15.91 -16.33
CA GLN A 439 -1.15 16.34 -17.74
C GLN A 439 0.27 16.63 -18.11
N PRO A 440 0.60 16.42 -19.40
CA PRO A 440 1.99 16.63 -19.82
C PRO A 440 2.42 18.07 -19.54
N ASP A 441 3.72 18.27 -19.37
CA ASP A 441 4.28 19.58 -19.03
C ASP A 441 4.26 20.50 -20.23
N PRO A 442 4.02 21.79 -19.99
CA PRO A 442 3.82 22.66 -21.15
C PRO A 442 5.03 22.68 -22.06
N TRP A 443 6.23 22.52 -21.50
CA TRP A 443 7.47 22.54 -22.26
C TRP A 443 7.86 21.18 -22.79
N LYS B 30 2.33 -5.76 -24.71
CA LYS B 30 2.81 -4.58 -23.93
C LYS B 30 3.15 -4.95 -22.49
N PHE B 31 4.16 -4.24 -21.99
CA PHE B 31 4.90 -4.62 -20.82
C PHE B 31 5.01 -3.35 -20.04
N PRO B 32 4.83 -3.42 -18.75
CA PRO B 32 4.80 -2.21 -17.94
C PRO B 32 6.17 -1.58 -17.63
N ARG B 33 6.32 -0.31 -18.02
CA ARG B 33 7.29 0.58 -17.42
C ARG B 33 7.06 0.56 -15.89
N VAL B 34 8.09 0.18 -15.12
CA VAL B 34 8.09 0.19 -13.62
C VAL B 34 9.21 1.13 -13.13
N LYS B 35 8.83 2.21 -12.46
CA LYS B 35 9.80 3.21 -12.02
C LYS B 35 10.14 3.11 -10.54
N ASN B 36 11.41 3.24 -10.19
CA ASN B 36 11.79 3.66 -8.82
C ASN B 36 11.89 5.19 -8.66
N TRP B 37 11.06 5.77 -7.80
CA TRP B 37 11.05 7.23 -7.60
C TRP B 37 12.17 7.80 -6.77
N GLU B 38 12.88 6.98 -5.99
CA GLU B 38 14.04 7.47 -5.22
C GLU B 38 15.27 7.68 -6.13
N LEU B 39 15.43 6.80 -7.12
CA LEU B 39 16.63 6.75 -7.93
C LEU B 39 16.38 7.13 -9.37
N GLY B 40 15.13 7.44 -9.72
CA GLY B 40 14.79 7.80 -11.11
C GLY B 40 14.90 6.70 -12.16
N SER B 41 15.34 5.51 -11.76
CA SER B 41 15.47 4.40 -12.69
C SER B 41 14.12 3.77 -13.04
N ILE B 42 13.95 3.53 -14.34
CA ILE B 42 12.82 2.82 -14.94
C ILE B 42 13.25 1.34 -15.26
N THR B 43 12.34 0.35 -15.21
CA THR B 43 12.55 -0.96 -15.93
C THR B 43 11.28 -1.51 -16.60
N TYR B 44 11.34 -2.64 -17.28
CA TYR B 44 10.18 -3.14 -18.03
C TYR B 44 9.93 -4.56 -17.58
N ASP B 45 8.74 -4.86 -17.08
CA ASP B 45 8.49 -6.23 -16.58
C ASP B 45 7.93 -7.07 -17.73
N THR B 46 8.63 -8.17 -18.05
CA THR B 46 8.41 -8.92 -19.28
C THR B 46 8.18 -10.34 -18.90
N LEU B 47 8.27 -10.57 -17.61
CA LEU B 47 8.05 -11.87 -17.06
C LEU B 47 6.54 -12.03 -17.05
N CYS B 48 5.81 -10.94 -16.81
CA CYS B 48 4.39 -11.10 -16.56
C CYS B 48 3.67 -11.71 -17.76
N ALA B 49 4.31 -11.69 -18.92
CA ALA B 49 3.76 -12.41 -20.10
C ALA B 49 3.60 -13.93 -19.86
N GLN B 50 4.31 -14.44 -18.84
CA GLN B 50 4.35 -15.88 -18.49
C GLN B 50 3.12 -16.28 -17.73
N SER B 51 2.44 -15.30 -17.13
CA SER B 51 1.35 -15.60 -16.21
C SER B 51 0.17 -16.21 -16.92
N GLN B 52 -0.38 -17.27 -16.34
CA GLN B 52 -1.53 -18.01 -16.94
C GLN B 52 -2.81 -17.81 -16.11
N GLN B 53 -2.65 -17.56 -14.81
CA GLN B 53 -3.75 -17.36 -13.89
C GLN B 53 -4.16 -15.88 -13.82
N ASP B 54 -5.47 -15.63 -13.77
CA ASP B 54 -5.99 -14.27 -13.67
C ASP B 54 -6.03 -13.81 -12.22
N GLY B 55 -5.85 -12.50 -12.04
CA GLY B 55 -6.00 -11.81 -10.74
C GLY B 55 -7.34 -11.11 -10.61
N PRO B 56 -7.56 -10.38 -9.51
CA PRO B 56 -8.90 -9.80 -9.36
C PRO B 56 -9.18 -8.46 -10.09
N CYS B 57 -8.19 -7.88 -10.78
CA CYS B 57 -8.34 -6.55 -11.40
C CYS B 57 -8.83 -6.63 -12.83
N THR B 58 -9.63 -5.62 -13.23
CA THR B 58 -10.09 -5.46 -14.59
C THR B 58 -9.80 -4.02 -15.03
N PRO B 59 -9.74 -3.74 -16.35
CA PRO B 59 -9.46 -2.35 -16.74
C PRO B 59 -10.41 -1.30 -16.09
N ARG B 60 -11.63 -1.72 -15.71
CA ARG B 60 -12.65 -0.87 -15.06
C ARG B 60 -12.44 -0.51 -13.55
N ARG B 61 -11.84 -1.42 -12.78
CA ARG B 61 -11.48 -1.16 -11.37
C ARG B 61 -10.37 -2.09 -10.89
N CYS B 62 -9.51 -1.58 -10.01
CA CYS B 62 -8.40 -2.30 -9.43
C CYS B 62 -8.78 -2.84 -8.05
N LEU B 63 -8.67 -4.16 -7.91
CA LEU B 63 -8.94 -4.89 -6.68
C LEU B 63 -7.63 -5.28 -5.97
N GLY B 64 -6.55 -4.63 -6.38
CA GLY B 64 -5.24 -4.96 -5.85
C GLY B 64 -5.12 -5.18 -4.33
N SER B 65 -5.96 -4.51 -3.55
CA SER B 65 -5.71 -4.50 -2.08
C SER B 65 -6.53 -5.49 -1.34
N LEU B 66 -7.44 -6.16 -2.02
CA LEU B 66 -8.23 -7.23 -1.43
C LEU B 66 -7.22 -8.33 -1.05
N VAL B 67 -7.28 -8.77 0.24
CA VAL B 67 -6.58 -9.92 0.72
C VAL B 67 -6.87 -11.25 -0.03
N LEU B 68 -8.12 -11.71 0.00
CA LEU B 68 -8.50 -12.99 -0.63
C LEU B 68 -9.27 -12.79 -1.91
N PRO B 69 -9.27 -13.81 -2.78
CA PRO B 69 -10.06 -13.83 -4.02
C PRO B 69 -11.55 -13.79 -3.76
N ARG B 70 -12.30 -13.05 -4.59
CA ARG B 70 -13.76 -13.15 -4.60
C ARG B 70 -14.11 -14.63 -4.73
N LYS B 71 -13.49 -15.30 -5.74
CA LYS B 71 -13.73 -16.71 -6.05
C LYS B 71 -13.73 -17.62 -4.82
N LEU B 72 -12.53 -17.91 -4.32
CA LEU B 72 -12.29 -18.83 -3.22
C LEU B 72 -13.32 -18.66 -2.08
N PRO B 82 -10.47 -31.70 -17.64
CA PRO B 82 -9.45 -31.36 -16.64
C PRO B 82 -8.12 -32.08 -16.87
N ALA B 83 -8.18 -33.30 -17.44
CA ALA B 83 -7.00 -34.10 -17.80
C ALA B 83 -6.12 -33.45 -18.87
N GLU B 84 -6.77 -32.92 -19.90
CA GLU B 84 -6.13 -32.12 -20.95
C GLU B 84 -5.44 -30.88 -20.38
N GLN B 85 -6.01 -30.34 -19.30
CA GLN B 85 -5.56 -29.11 -18.70
C GLN B 85 -4.42 -29.38 -17.73
N LEU B 86 -4.57 -30.40 -16.90
CA LEU B 86 -3.50 -30.85 -16.01
C LEU B 86 -2.26 -31.22 -16.84
N LEU B 87 -2.47 -31.94 -17.93
CA LEU B 87 -1.39 -32.26 -18.87
C LEU B 87 -0.53 -31.03 -19.18
N SER B 88 -1.17 -29.98 -19.70
CA SER B 88 -0.51 -28.72 -20.07
C SER B 88 0.17 -27.97 -18.93
N GLN B 89 -0.41 -28.00 -17.75
CA GLN B 89 0.25 -27.43 -16.56
C GLN B 89 1.48 -28.22 -16.18
N ALA B 90 1.41 -29.53 -16.40
CA ALA B 90 2.49 -30.44 -16.12
C ALA B 90 3.58 -30.35 -17.17
N ARG B 91 3.23 -30.41 -18.47
CA ARG B 91 4.22 -30.18 -19.54
C ARG B 91 4.99 -28.90 -19.27
N ASP B 92 4.25 -27.81 -19.04
CA ASP B 92 4.85 -26.51 -18.75
C ASP B 92 5.78 -26.58 -17.56
N PHE B 93 5.40 -27.34 -16.56
CA PHE B 93 6.25 -27.45 -15.39
C PHE B 93 7.50 -28.25 -15.67
N ILE B 94 7.36 -29.38 -16.35
CA ILE B 94 8.50 -30.22 -16.62
C ILE B 94 9.49 -29.43 -17.51
N ASN B 95 8.97 -28.76 -18.55
CA ASN B 95 9.86 -27.96 -19.42
C ASN B 95 10.61 -26.94 -18.54
N GLN B 96 9.87 -26.32 -17.63
CA GLN B 96 10.48 -25.52 -16.57
C GLN B 96 11.60 -26.29 -15.84
N TYR B 97 11.36 -27.51 -15.40
CA TYR B 97 12.34 -28.14 -14.54
C TYR B 97 13.62 -28.49 -15.29
N TYR B 98 13.50 -28.92 -16.54
CA TYR B 98 14.65 -29.29 -17.33
C TYR B 98 15.40 -28.06 -17.76
N SER B 99 14.66 -27.02 -18.07
CA SER B 99 15.28 -25.76 -18.38
C SER B 99 16.13 -25.35 -17.18
N SER B 100 15.59 -25.52 -15.97
CA SER B 100 16.27 -25.10 -14.72
C SER B 100 17.59 -25.81 -14.52
N ILE B 101 17.72 -27.01 -15.07
CA ILE B 101 18.95 -27.78 -14.90
C ILE B 101 19.77 -27.87 -16.20
N LYS B 102 19.44 -26.97 -17.14
CA LYS B 102 20.19 -26.78 -18.38
C LYS B 102 20.16 -28.06 -19.23
N ARG B 103 18.95 -28.60 -19.44
CA ARG B 103 18.78 -29.92 -20.08
C ARG B 103 17.61 -30.03 -21.08
N SER B 104 17.13 -28.90 -21.61
CA SER B 104 16.00 -28.89 -22.54
C SER B 104 16.24 -29.77 -23.77
N GLY B 105 15.23 -30.57 -24.15
CA GLY B 105 15.34 -31.47 -25.29
C GLY B 105 16.34 -32.61 -25.12
N SER B 106 16.83 -32.82 -23.91
CA SER B 106 17.69 -33.99 -23.60
C SER B 106 16.90 -35.31 -23.68
N GLN B 107 17.60 -36.44 -23.71
CA GLN B 107 16.87 -37.71 -23.67
C GLN B 107 15.95 -37.72 -22.45
N ALA B 108 16.53 -37.44 -21.29
CA ALA B 108 15.80 -37.42 -20.01
C ALA B 108 14.48 -36.62 -20.07
N HIS B 109 14.52 -35.47 -20.73
CA HIS B 109 13.40 -34.53 -20.82
C HIS B 109 12.25 -35.17 -21.55
N GLU B 110 12.52 -35.72 -22.72
CA GLU B 110 11.46 -36.27 -23.53
C GLU B 110 10.78 -37.50 -22.93
N GLU B 111 11.58 -38.41 -22.35
CA GLU B 111 11.07 -39.62 -21.67
C GLU B 111 10.31 -39.28 -20.38
N ARG B 112 10.61 -38.13 -19.80
CA ARG B 112 9.92 -37.73 -18.59
C ARG B 112 8.55 -37.18 -18.95
N LEU B 113 8.49 -36.41 -20.04
CA LEU B 113 7.21 -35.90 -20.57
C LEU B 113 6.31 -37.06 -20.99
N GLN B 114 6.92 -38.09 -21.56
CA GLN B 114 6.16 -39.25 -22.00
C GLN B 114 5.66 -40.07 -20.82
N GLU B 115 6.40 -40.02 -19.72
CA GLU B 115 6.00 -40.69 -18.49
C GLU B 115 4.69 -40.05 -18.04
N VAL B 116 4.75 -38.74 -17.83
CA VAL B 116 3.61 -37.92 -17.40
C VAL B 116 2.42 -38.11 -18.33
N GLU B 117 2.66 -38.01 -19.62
CA GLU B 117 1.67 -38.36 -20.62
C GLU B 117 0.96 -39.63 -20.18
N ALA B 118 1.72 -40.73 -20.16
CA ALA B 118 1.20 -42.08 -19.90
C ALA B 118 0.48 -42.13 -18.56
N GLU B 119 1.07 -41.52 -17.54
CA GLU B 119 0.47 -41.56 -16.24
C GLU B 119 -0.92 -40.93 -16.30
N VAL B 120 -0.99 -39.65 -16.63
CA VAL B 120 -2.27 -38.95 -16.76
C VAL B 120 -3.28 -39.67 -17.64
N ALA B 121 -2.85 -40.11 -18.82
CA ALA B 121 -3.76 -40.74 -19.76
C ALA B 121 -4.44 -41.93 -19.11
N SER B 122 -3.94 -42.39 -17.97
CA SER B 122 -4.34 -43.69 -17.44
C SER B 122 -5.05 -43.56 -16.13
N THR B 123 -4.54 -42.69 -15.27
CA THR B 123 -5.04 -42.55 -13.91
C THR B 123 -5.74 -41.20 -13.71
N GLY B 124 -5.59 -40.29 -14.69
CA GLY B 124 -6.24 -38.98 -14.62
C GLY B 124 -5.39 -38.06 -13.79
N THR B 125 -4.12 -38.43 -13.68
CA THR B 125 -3.24 -37.77 -12.77
C THR B 125 -1.84 -38.41 -12.86
N TYR B 126 -0.89 -37.82 -12.15
CA TYR B 126 0.48 -38.28 -12.19
C TYR B 126 1.16 -37.86 -10.91
N HIS B 127 2.44 -38.22 -10.79
CA HIS B 127 3.22 -37.97 -9.58
C HIS B 127 4.57 -37.37 -9.87
N LEU B 128 5.07 -36.56 -8.96
CA LEU B 128 6.33 -35.85 -9.18
C LEU B 128 7.49 -36.58 -8.57
N ARG B 129 8.65 -36.50 -9.20
CA ARG B 129 9.86 -37.06 -8.63
C ARG B 129 10.35 -36.11 -7.57
N GLU B 130 11.16 -36.62 -6.63
CA GLU B 130 11.56 -35.85 -5.45
C GLU B 130 12.30 -34.57 -5.80
N SER B 131 13.16 -34.65 -6.81
CA SER B 131 13.97 -33.51 -7.18
C SER B 131 13.11 -32.50 -7.94
N GLU B 132 11.99 -32.95 -8.47
CA GLU B 132 11.06 -32.07 -9.13
C GLU B 132 10.29 -31.33 -8.06
N LEU B 133 9.75 -32.06 -7.11
CA LEU B 133 9.18 -31.43 -5.93
C LEU B 133 10.08 -30.34 -5.40
N VAL B 134 11.30 -30.70 -5.00
CA VAL B 134 12.28 -29.73 -4.44
C VAL B 134 12.41 -28.44 -5.23
N PHE B 135 12.55 -28.60 -6.53
CA PHE B 135 12.56 -27.47 -7.43
C PHE B 135 11.23 -26.71 -7.36
N GLY B 136 10.13 -27.45 -7.35
CA GLY B 136 8.82 -26.84 -7.30
C GLY B 136 8.60 -25.99 -6.06
N ALA B 137 9.04 -26.49 -4.91
CA ALA B 137 8.78 -25.82 -3.66
C ALA B 137 9.51 -24.51 -3.69
N LYS B 138 10.81 -24.59 -3.97
CA LYS B 138 11.63 -23.37 -4.26
C LYS B 138 10.99 -22.44 -5.23
N GLN B 139 10.34 -22.92 -6.26
CA GLN B 139 9.93 -21.95 -7.27
C GLN B 139 8.67 -21.28 -6.75
N ALA B 140 7.89 -22.04 -5.99
CA ALA B 140 6.71 -21.47 -5.35
C ALA B 140 7.00 -20.27 -4.42
N TRP B 141 8.15 -20.29 -3.75
CA TRP B 141 8.49 -19.22 -2.84
C TRP B 141 9.03 -18.05 -3.62
N ARG B 142 9.85 -18.38 -4.59
CA ARG B 142 10.26 -17.44 -5.57
C ARG B 142 9.07 -16.70 -6.18
N ASN B 143 7.99 -17.39 -6.48
CA ASN B 143 6.89 -16.68 -7.15
C ASN B 143 5.93 -15.95 -6.26
N ALA B 144 6.10 -16.09 -4.93
CA ALA B 144 5.13 -15.58 -3.98
C ALA B 144 5.22 -14.07 -3.83
N PRO B 145 4.28 -13.36 -4.45
CA PRO B 145 4.21 -11.89 -4.50
C PRO B 145 4.17 -11.18 -3.11
N ARG B 146 3.55 -11.77 -2.12
CA ARG B 146 3.41 -11.11 -0.81
C ARG B 146 4.56 -11.27 0.15
N CYS B 147 5.63 -11.91 -0.31
CA CYS B 147 6.77 -12.28 0.56
C CYS B 147 8.00 -11.47 0.25
N VAL B 148 8.50 -10.90 1.32
CA VAL B 148 9.65 -9.98 1.27
C VAL B 148 10.98 -10.69 1.53
N GLY B 149 10.93 -11.96 1.97
CA GLY B 149 12.12 -12.78 2.24
C GLY B 149 12.69 -13.49 1.01
N ARG B 150 12.15 -13.22 -0.17
CA ARG B 150 12.57 -14.00 -1.33
C ARG B 150 14.08 -13.98 -1.73
N ILE B 151 14.92 -13.08 -1.18
CA ILE B 151 16.38 -13.16 -1.43
C ILE B 151 16.86 -14.57 -1.02
N GLN B 152 16.19 -15.11 0.00
CA GLN B 152 16.47 -16.45 0.52
C GLN B 152 15.94 -17.57 -0.35
N TRP B 153 15.44 -17.29 -1.56
CA TRP B 153 14.57 -18.30 -2.14
C TRP B 153 15.25 -19.60 -2.49
N GLY B 154 16.57 -19.62 -2.55
CA GLY B 154 17.26 -20.82 -3.02
C GLY B 154 17.68 -21.77 -1.92
N LYS B 155 17.62 -21.26 -0.68
CA LYS B 155 18.04 -21.98 0.49
C LYS B 155 16.75 -22.46 1.15
N LEU B 156 16.26 -23.62 0.73
CA LEU B 156 15.07 -24.18 1.36
C LEU B 156 15.27 -25.66 1.57
N GLN B 157 15.17 -26.11 2.82
CA GLN B 157 15.17 -27.52 3.12
C GLN B 157 13.75 -28.12 2.87
N VAL B 158 13.69 -29.15 2.04
CA VAL B 158 12.40 -29.66 1.61
C VAL B 158 12.22 -31.08 2.05
N PHE B 159 11.33 -31.33 3.00
CA PHE B 159 11.06 -32.67 3.51
C PHE B 159 9.91 -33.30 2.78
N ASP B 160 10.17 -34.44 2.17
CA ASP B 160 9.17 -35.12 1.40
C ASP B 160 8.36 -35.99 2.33
N ALA B 161 7.09 -35.66 2.49
CA ALA B 161 6.24 -36.40 3.43
C ALA B 161 5.11 -37.06 2.70
N ARG B 162 5.32 -37.35 1.42
CA ARG B 162 4.31 -37.92 0.56
C ARG B 162 4.06 -39.37 0.88
N ASP B 163 4.78 -39.89 1.87
CA ASP B 163 4.58 -41.25 2.33
C ASP B 163 4.12 -41.21 3.78
N CYS B 164 2.86 -40.85 3.93
CA CYS B 164 2.23 -40.54 5.19
C CYS B 164 0.79 -41.04 5.02
N SER B 165 0.34 -41.90 5.91
CA SER B 165 -1.01 -42.49 5.81
C SER B 165 -1.90 -42.19 7.00
N SER B 166 -1.40 -41.46 7.99
CA SER B 166 -2.19 -41.15 9.19
C SER B 166 -1.84 -39.79 9.82
N ALA B 167 -2.73 -39.29 10.67
CA ALA B 167 -2.47 -38.12 11.52
C ALA B 167 -1.22 -38.26 12.40
N GLN B 168 -1.03 -39.44 12.99
CA GLN B 168 0.13 -39.75 13.80
C GLN B 168 1.40 -39.46 13.05
N GLU B 169 1.49 -39.96 11.83
CA GLU B 169 2.69 -39.78 11.00
C GLU B 169 2.85 -38.31 10.70
N MET B 170 1.78 -37.65 10.27
CA MET B 170 1.81 -36.20 10.09
C MET B 170 2.41 -35.50 11.30
N PHE B 171 1.98 -35.89 12.50
CA PHE B 171 2.51 -35.28 13.72
C PHE B 171 4.00 -35.49 13.89
N THR B 172 4.47 -36.70 13.61
CA THR B 172 5.90 -36.96 13.62
C THR B 172 6.65 -36.16 12.55
N TYR B 173 6.13 -36.09 11.34
CA TYR B 173 6.71 -35.18 10.38
C TYR B 173 6.66 -33.73 10.86
N ILE B 174 5.52 -33.29 11.39
CA ILE B 174 5.46 -31.90 11.82
C ILE B 174 6.53 -31.67 12.87
N CYS B 175 6.73 -32.65 13.75
CA CYS B 175 7.72 -32.49 14.83
C CYS B 175 9.15 -32.38 14.36
N ASN B 176 9.56 -33.15 13.36
CA ASN B 176 10.91 -33.04 12.82
C ASN B 176 11.17 -31.67 12.20
N HIS B 177 10.16 -31.16 11.48
CA HIS B 177 10.19 -29.87 10.76
C HIS B 177 10.48 -28.80 11.77
N ILE B 178 9.65 -28.69 12.79
CA ILE B 178 9.90 -27.73 13.84
C ILE B 178 11.33 -27.88 14.42
N LYS B 179 11.67 -29.09 14.87
CA LYS B 179 13.00 -29.41 15.41
C LYS B 179 14.12 -28.88 14.50
N TYR B 180 14.02 -29.18 13.20
CA TYR B 180 15.05 -28.82 12.23
C TYR B 180 15.01 -27.36 11.96
N ALA B 181 13.80 -26.82 11.80
CA ALA B 181 13.69 -25.43 11.36
C ALA B 181 14.24 -24.52 12.43
N THR B 182 13.94 -24.85 13.67
CA THR B 182 14.31 -24.09 14.82
C THR B 182 15.83 -24.13 15.05
N ASN B 183 16.45 -25.32 14.90
CA ASN B 183 17.90 -25.52 15.02
C ASN B 183 18.46 -24.71 16.18
N ARG B 184 17.87 -24.90 17.36
CA ARG B 184 18.24 -24.16 18.59
C ARG B 184 18.41 -22.61 18.48
N GLY B 185 17.60 -21.99 17.65
CA GLY B 185 17.67 -20.54 17.48
C GLY B 185 18.31 -20.05 16.18
N ASN B 186 19.19 -20.89 15.63
CA ASN B 186 19.78 -20.57 14.36
C ASN B 186 18.85 -21.07 13.29
N LEU B 187 17.90 -20.21 12.92
CA LEU B 187 16.75 -20.69 12.17
C LEU B 187 17.09 -21.00 10.74
N ARG B 188 16.32 -21.90 10.14
CA ARG B 188 16.61 -22.42 8.83
C ARG B 188 15.27 -22.65 8.16
N SER B 189 15.19 -22.26 6.90
CA SER B 189 13.96 -22.36 6.12
C SER B 189 13.63 -23.75 5.61
N ALA B 190 12.40 -24.20 5.90
CA ALA B 190 11.93 -25.53 5.50
C ALA B 190 10.46 -25.54 5.13
N ILE B 191 10.09 -26.56 4.38
CA ILE B 191 8.72 -26.84 4.00
C ILE B 191 8.65 -28.37 4.14
N THR B 192 7.45 -28.91 4.27
CA THR B 192 7.25 -30.33 4.52
C THR B 192 6.00 -30.57 3.73
N VAL B 193 6.10 -31.44 2.73
CA VAL B 193 5.05 -31.61 1.74
C VAL B 193 4.36 -32.94 1.97
N PHE B 194 3.10 -32.87 2.32
CA PHE B 194 2.34 -34.11 2.51
C PHE B 194 1.71 -34.49 1.19
N PRO B 195 1.01 -35.64 1.13
CA PRO B 195 0.49 -36.20 -0.10
C PRO B 195 -0.43 -35.25 -0.81
N GLN B 196 -0.37 -35.29 -2.13
CA GLN B 196 -1.17 -34.40 -2.91
C GLN B 196 -2.64 -34.80 -2.77
N ARG B 197 -3.53 -33.87 -3.08
CA ARG B 197 -4.95 -34.12 -3.21
C ARG B 197 -5.21 -35.19 -4.22
N ALA B 198 -6.38 -35.81 -4.16
CA ALA B 198 -6.72 -36.88 -5.12
C ALA B 198 -8.22 -36.95 -5.39
N PRO B 199 -8.60 -37.02 -6.69
CA PRO B 199 -9.94 -37.24 -7.18
C PRO B 199 -11.03 -37.18 -6.13
N GLY B 200 -11.48 -38.35 -5.65
CA GLY B 200 -12.64 -38.38 -4.75
C GLY B 200 -12.31 -38.89 -3.37
N ARG B 201 -11.32 -38.27 -2.72
CA ARG B 201 -11.08 -38.47 -1.29
C ARG B 201 -10.60 -37.19 -0.54
N GLY B 202 -10.83 -37.18 0.76
CA GLY B 202 -10.48 -36.04 1.57
C GLY B 202 -9.04 -35.58 1.40
N ASP B 203 -8.83 -34.32 1.68
CA ASP B 203 -7.50 -33.76 1.67
C ASP B 203 -6.79 -34.09 2.97
N PHE B 204 -5.49 -34.35 2.93
CA PHE B 204 -4.66 -34.18 4.11
C PHE B 204 -4.73 -32.67 4.42
N ARG B 205 -5.00 -32.33 5.67
CA ARG B 205 -5.00 -30.94 6.06
C ARG B 205 -4.47 -30.77 7.48
N ILE B 206 -3.77 -29.66 7.68
CA ILE B 206 -3.51 -29.14 9.02
C ILE B 206 -4.52 -28.04 9.26
N TRP B 207 -5.35 -28.21 10.27
CA TRP B 207 -6.41 -27.27 10.56
C TRP B 207 -5.87 -25.95 11.08
N ASN B 208 -4.75 -25.96 11.80
CA ASN B 208 -4.18 -24.74 12.30
C ASN B 208 -3.68 -23.84 11.20
N SER B 209 -3.71 -22.52 11.41
CA SER B 209 -3.19 -21.65 10.35
C SER B 209 -1.67 -21.53 10.42
N GLN B 210 -1.11 -21.63 11.62
CA GLN B 210 0.34 -21.83 11.77
C GLN B 210 0.60 -23.02 12.70
N LEU B 211 1.82 -23.56 12.72
CA LEU B 211 2.07 -24.72 13.56
C LEU B 211 2.18 -24.26 14.98
N VAL B 212 2.48 -22.98 15.17
CA VAL B 212 2.55 -22.45 16.50
C VAL B 212 1.74 -21.18 16.49
N ARG B 213 0.71 -21.15 17.36
CA ARG B 213 -0.24 -20.05 17.55
C ARG B 213 -0.71 -19.99 19.04
N TYR B 214 -1.04 -18.80 19.54
CA TYR B 214 -1.57 -18.81 20.86
C TYR B 214 -3.11 -18.96 20.87
N ALA B 215 -3.62 -19.61 21.91
CA ALA B 215 -5.05 -19.71 22.03
C ALA B 215 -5.67 -18.32 22.12
N GLY B 216 -6.95 -18.24 21.74
CA GLY B 216 -7.85 -17.10 22.01
C GLY B 216 -9.09 -17.62 22.76
N TYR B 217 -9.26 -17.20 24.01
CA TYR B 217 -10.42 -17.64 24.79
C TYR B 217 -11.47 -16.56 24.85
N ARG B 218 -12.69 -16.86 24.40
CA ARG B 218 -13.69 -15.83 24.53
C ARG B 218 -14.09 -15.71 25.97
N GLN B 219 -14.24 -14.47 26.42
CA GLN B 219 -14.75 -14.24 27.77
C GLN B 219 -16.26 -14.04 27.63
N GLN B 220 -17.00 -14.38 28.68
CA GLN B 220 -18.45 -14.16 28.68
C GLN B 220 -18.78 -12.72 28.24
N ASP B 221 -18.08 -11.74 28.81
CA ASP B 221 -18.22 -10.33 28.45
C ASP B 221 -17.60 -9.98 27.11
N GLY B 222 -17.78 -10.89 26.15
CA GLY B 222 -17.49 -10.67 24.73
C GLY B 222 -16.04 -10.62 24.32
N SER B 223 -15.22 -9.93 25.12
CA SER B 223 -13.77 -9.74 24.86
C SER B 223 -12.96 -11.06 24.84
N VAL B 224 -11.75 -10.99 24.28
CA VAL B 224 -10.93 -12.18 24.16
C VAL B 224 -9.61 -12.10 24.89
N ARG B 225 -9.34 -13.15 25.68
CA ARG B 225 -8.04 -13.40 26.31
C ARG B 225 -7.10 -14.20 25.39
N GLY B 226 -5.91 -13.68 25.18
CA GLY B 226 -4.96 -14.33 24.24
C GLY B 226 -5.18 -13.88 22.81
N ASP B 227 -4.61 -14.56 21.80
CA ASP B 227 -4.65 -13.98 20.43
C ASP B 227 -6.04 -14.00 19.82
N PRO B 228 -6.70 -12.86 19.69
CA PRO B 228 -8.06 -12.91 19.13
C PRO B 228 -8.20 -13.49 17.69
N ALA B 229 -7.16 -13.50 16.86
CA ALA B 229 -7.30 -14.20 15.55
C ALA B 229 -7.39 -15.71 15.66
N ASN B 230 -7.26 -16.28 16.85
CA ASN B 230 -7.23 -17.71 16.91
C ASN B 230 -8.42 -18.28 17.62
N VAL B 231 -9.46 -17.45 17.75
CA VAL B 231 -10.64 -17.82 18.57
C VAL B 231 -11.33 -19.07 18.03
N GLU B 232 -11.52 -19.10 16.71
CA GLU B 232 -12.15 -20.21 16.03
C GLU B 232 -11.37 -21.53 16.26
N ILE B 233 -10.12 -21.54 15.78
CA ILE B 233 -9.22 -22.66 15.97
C ILE B 233 -9.13 -23.11 17.46
N THR B 234 -9.04 -22.16 18.39
CA THR B 234 -9.22 -22.53 19.82
C THR B 234 -10.48 -23.36 20.09
N GLU B 235 -11.65 -22.86 19.68
CA GLU B 235 -12.92 -23.55 19.95
C GLU B 235 -12.95 -24.98 19.42
N LEU B 236 -12.53 -25.15 18.17
CA LEU B 236 -12.42 -26.47 17.55
C LEU B 236 -11.57 -27.45 18.36
N CYS B 237 -10.44 -26.98 18.90
CA CYS B 237 -9.64 -27.80 19.81
C CYS B 237 -10.37 -28.20 21.11
N ILE B 238 -11.09 -27.29 21.74
CA ILE B 238 -11.82 -27.70 22.95
C ILE B 238 -12.93 -28.70 22.56
N GLN B 239 -13.45 -28.53 21.35
CA GLN B 239 -14.58 -29.28 20.83
C GLN B 239 -14.16 -30.67 20.33
N HIS B 240 -12.85 -30.91 20.25
CA HIS B 240 -12.32 -32.24 20.00
C HIS B 240 -11.56 -32.75 21.20
N GLY B 241 -11.88 -32.27 22.39
CA GLY B 241 -11.35 -32.86 23.60
C GLY B 241 -10.17 -32.21 24.31
N TRP B 242 -9.54 -31.19 23.74
CA TRP B 242 -8.43 -30.48 24.44
C TRP B 242 -8.93 -29.68 25.61
N THR B 243 -8.27 -29.79 26.76
CA THR B 243 -8.61 -28.93 27.87
C THR B 243 -7.77 -27.69 27.71
N PRO B 244 -8.42 -26.51 27.77
CA PRO B 244 -7.76 -25.24 27.46
C PRO B 244 -6.89 -24.72 28.60
N GLY B 245 -6.01 -23.78 28.27
CA GLY B 245 -5.36 -23.03 29.32
C GLY B 245 -6.24 -21.87 29.76
N ASN B 246 -5.65 -20.96 30.52
CA ASN B 246 -6.33 -19.74 30.86
C ASN B 246 -5.35 -18.58 30.78
N GLY B 247 -4.47 -18.63 29.76
CA GLY B 247 -3.43 -17.65 29.58
C GLY B 247 -3.47 -16.92 28.27
N ARG B 248 -2.68 -15.86 28.18
CA ARG B 248 -2.64 -15.00 27.03
C ARG B 248 -1.81 -15.62 25.91
N PHE B 249 -1.03 -16.63 26.28
CA PHE B 249 0.08 -17.09 25.45
C PHE B 249 0.22 -18.61 25.44
N ASP B 250 -0.94 -19.28 25.40
CA ASP B 250 -1.00 -20.74 25.39
C ASP B 250 -0.81 -21.32 24.04
N VAL B 251 0.18 -22.18 23.92
CA VAL B 251 0.45 -22.75 22.63
C VAL B 251 -0.62 -23.79 22.34
N LEU B 252 -1.30 -23.60 21.21
CA LEU B 252 -2.44 -24.44 20.85
C LEU B 252 -1.98 -25.83 20.46
N PRO B 253 -2.87 -26.83 20.58
CA PRO B 253 -2.48 -28.10 20.00
C PRO B 253 -2.58 -28.03 18.48
N LEU B 254 -2.19 -29.11 17.82
CA LEU B 254 -2.44 -29.31 16.39
C LEU B 254 -3.64 -30.23 16.17
N LEU B 255 -4.45 -29.88 15.17
CA LEU B 255 -5.56 -30.64 14.69
C LEU B 255 -5.18 -31.13 13.30
N LEU B 256 -4.92 -32.43 13.21
CA LEU B 256 -4.44 -33.01 11.95
C LEU B 256 -5.47 -33.93 11.37
N GLN B 257 -5.67 -33.82 10.06
CA GLN B 257 -6.70 -34.61 9.38
C GLN B 257 -6.11 -35.40 8.22
N ALA B 258 -6.32 -36.72 8.25
CA ALA B 258 -6.05 -37.56 7.09
C ALA B 258 -7.34 -37.65 6.29
N PRO B 259 -7.26 -38.04 5.01
CA PRO B 259 -8.46 -38.15 4.18
C PRO B 259 -9.66 -38.77 4.88
N ASP B 260 -10.79 -38.06 4.88
CA ASP B 260 -12.10 -38.54 5.36
C ASP B 260 -12.06 -39.19 6.71
N GLU B 261 -11.39 -38.55 7.66
CA GLU B 261 -11.49 -38.92 9.06
C GLU B 261 -11.72 -37.62 9.82
N ALA B 262 -12.28 -37.74 11.02
CA ALA B 262 -12.33 -36.61 11.94
C ALA B 262 -10.89 -36.23 12.20
N PRO B 263 -10.63 -34.92 12.33
CA PRO B 263 -9.33 -34.46 12.76
C PRO B 263 -8.94 -35.12 14.07
N GLU B 264 -7.65 -35.36 14.27
CA GLU B 264 -7.18 -35.77 15.58
C GLU B 264 -6.32 -34.65 16.15
N LEU B 265 -6.26 -34.62 17.46
CA LEU B 265 -5.59 -33.61 18.24
C LEU B 265 -4.22 -34.13 18.70
N PHE B 266 -3.20 -33.27 18.63
CA PHE B 266 -1.86 -33.59 19.15
C PHE B 266 -1.23 -32.37 19.81
N VAL B 267 -0.76 -32.56 21.03
CA VAL B 267 -0.10 -31.48 21.75
C VAL B 267 1.36 -31.44 21.37
N LEU B 268 1.86 -30.27 20.98
CA LEU B 268 3.29 -30.16 20.69
C LEU B 268 4.07 -30.31 22.01
N PRO B 269 5.20 -31.06 22.00
CA PRO B 269 6.04 -31.08 23.18
C PRO B 269 6.59 -29.68 23.48
N PRO B 270 6.29 -29.16 24.69
CA PRO B 270 6.78 -27.86 25.19
C PRO B 270 8.23 -27.55 24.74
N GLU B 271 9.14 -28.50 24.94
CA GLU B 271 10.53 -28.29 24.58
C GLU B 271 10.80 -28.13 23.06
N LEU B 272 9.92 -28.59 22.17
CA LEU B 272 10.13 -28.29 20.73
C LEU B 272 9.64 -26.91 20.32
N VAL B 273 9.14 -26.13 21.25
CA VAL B 273 8.56 -24.88 20.83
C VAL B 273 9.30 -23.77 21.50
N LEU B 274 10.14 -23.12 20.72
CA LEU B 274 11.03 -22.13 21.26
C LEU B 274 10.29 -20.80 21.34
N GLU B 275 10.45 -20.15 22.48
CA GLU B 275 9.76 -18.91 22.70
C GLU B 275 10.72 -17.88 23.20
N VAL B 276 10.49 -16.63 22.82
CA VAL B 276 11.27 -15.50 23.34
C VAL B 276 10.47 -14.62 24.33
N PRO B 277 10.97 -14.43 25.56
CA PRO B 277 10.24 -13.44 26.39
C PRO B 277 10.60 -12.04 25.95
N LEU B 278 9.66 -11.08 26.11
CA LEU B 278 9.90 -9.71 25.63
C LEU B 278 10.32 -8.74 26.73
N GLU B 279 11.59 -8.39 26.68
CA GLU B 279 12.08 -7.25 27.39
C GLU B 279 12.46 -6.16 26.40
N HIS B 280 12.75 -4.98 26.96
CA HIS B 280 13.19 -3.79 26.24
C HIS B 280 14.53 -3.39 26.81
N PRO B 281 15.43 -2.86 25.97
CA PRO B 281 16.77 -2.51 26.45
C PRO B 281 16.84 -1.51 27.60
N THR B 282 15.98 -0.50 27.61
CA THR B 282 16.18 0.58 28.59
C THR B 282 15.03 0.75 29.60
N LEU B 283 13.82 0.42 29.17
CA LEU B 283 12.67 0.51 30.04
C LEU B 283 12.46 -0.82 30.77
N GLU B 284 12.80 -0.81 32.06
CA GLU B 284 12.83 -2.01 32.90
C GLU B 284 11.48 -2.69 33.11
N TRP B 285 10.42 -1.88 33.13
CA TRP B 285 9.07 -2.38 33.38
C TRP B 285 8.52 -3.18 32.23
N PHE B 286 8.98 -2.87 31.02
CA PHE B 286 8.51 -3.60 29.84
C PHE B 286 8.44 -5.12 30.04
N ALA B 287 9.53 -5.70 30.53
CA ALA B 287 9.59 -7.14 30.77
C ALA B 287 8.42 -7.65 31.61
N ALA B 288 8.13 -6.91 32.69
CA ALA B 288 7.14 -7.27 33.69
C ALA B 288 5.81 -7.50 33.01
N LEU B 289 5.54 -6.69 31.99
CA LEU B 289 4.37 -6.85 31.12
C LEU B 289 4.10 -8.24 30.59
N GLY B 290 5.07 -9.15 30.76
CA GLY B 290 4.92 -10.58 30.46
C GLY B 290 4.83 -10.94 28.99
N LEU B 291 5.16 -10.03 28.10
CA LEU B 291 4.88 -10.36 26.72
C LEU B 291 5.87 -11.41 26.17
N ARG B 292 5.35 -12.46 25.52
CA ARG B 292 6.27 -13.38 24.80
C ARG B 292 5.90 -13.59 23.30
N TRP B 293 6.77 -14.23 22.55
CA TRP B 293 6.42 -14.69 21.20
C TRP B 293 7.27 -15.83 20.78
N TYR B 294 6.92 -16.43 19.65
CA TYR B 294 7.53 -17.73 19.36
C TYR B 294 8.43 -17.58 18.16
N ALA B 295 9.47 -18.40 18.11
CA ALA B 295 10.54 -18.16 17.17
C ALA B 295 10.16 -18.54 15.70
N LEU B 296 9.25 -19.50 15.57
CA LEU B 296 9.03 -20.16 14.32
C LEU B 296 7.73 -19.77 13.65
N PRO B 297 7.82 -19.04 12.51
CA PRO B 297 6.63 -18.73 11.72
C PRO B 297 6.45 -19.74 10.64
N ALA B 298 5.52 -20.67 10.89
CA ALA B 298 5.34 -21.84 10.08
C ALA B 298 3.89 -21.90 9.63
N VAL B 299 3.64 -21.46 8.41
CA VAL B 299 2.27 -21.28 7.87
C VAL B 299 1.77 -22.65 7.47
N SER B 300 0.57 -23.01 7.88
CA SER B 300 0.13 -24.38 7.60
C SER B 300 -1.19 -24.57 6.84
N ASN B 301 -1.94 -23.48 6.66
CA ASN B 301 -3.22 -23.49 5.95
C ASN B 301 -3.18 -23.16 4.46
N MET B 302 -2.01 -23.09 3.85
CA MET B 302 -1.98 -22.74 2.40
C MET B 302 -1.69 -23.95 1.55
N LEU B 303 -1.96 -23.84 0.25
CA LEU B 303 -1.87 -24.97 -0.71
C LEU B 303 -0.72 -24.74 -1.68
N LEU B 304 0.09 -25.77 -1.89
CA LEU B 304 1.20 -25.63 -2.77
C LEU B 304 0.83 -26.27 -4.12
N GLU B 305 0.76 -25.47 -5.18
CA GLU B 305 0.42 -25.97 -6.51
C GLU B 305 1.69 -26.08 -7.30
N ILE B 306 2.00 -27.31 -7.77
CA ILE B 306 3.08 -27.50 -8.72
C ILE B 306 2.58 -28.32 -9.93
N GLY B 307 2.96 -27.97 -11.16
CA GLY B 307 2.51 -28.68 -12.39
C GLY B 307 1.09 -29.22 -12.29
N GLY B 308 0.19 -28.35 -11.83
CA GLY B 308 -1.22 -28.65 -11.57
C GLY B 308 -1.55 -29.74 -10.54
N LEU B 309 -0.57 -30.19 -9.80
CA LEU B 309 -0.86 -31.03 -8.66
C LEU B 309 -1.02 -30.07 -7.50
N GLU B 310 -1.89 -30.43 -6.57
CA GLU B 310 -2.19 -29.58 -5.42
C GLU B 310 -1.79 -30.23 -4.09
N PHE B 311 -0.97 -29.58 -3.31
CA PHE B 311 -0.54 -30.12 -2.02
C PHE B 311 -1.30 -29.39 -0.93
N SER B 312 -2.33 -30.04 -0.41
CA SER B 312 -3.25 -29.36 0.52
C SER B 312 -2.65 -29.13 1.93
N ALA B 313 -1.58 -29.87 2.26
CA ALA B 313 -0.84 -29.66 3.52
C ALA B 313 0.66 -29.65 3.22
N ALA B 314 1.22 -28.45 3.17
CA ALA B 314 2.64 -28.23 2.95
C ALA B 314 3.11 -27.06 3.81
N PRO B 315 3.18 -27.26 5.14
CA PRO B 315 3.60 -26.19 6.04
C PRO B 315 5.05 -25.73 5.79
N PHE B 316 5.28 -24.43 5.74
CA PHE B 316 6.63 -23.87 5.58
C PHE B 316 6.99 -22.84 6.62
N SER B 317 8.27 -22.74 6.88
CA SER B 317 8.78 -21.76 7.79
C SER B 317 10.12 -21.17 7.35
N GLY B 318 10.32 -19.92 7.75
CA GLY B 318 11.59 -19.19 7.64
C GLY B 318 11.79 -18.52 8.97
N TRP B 319 12.15 -17.25 8.96
CA TRP B 319 12.25 -16.54 10.21
C TRP B 319 11.46 -15.29 10.20
N TYR B 320 11.23 -14.72 11.36
CA TYR B 320 10.48 -13.51 11.39
C TYR B 320 11.22 -12.24 11.00
N MET B 321 10.54 -11.46 10.16
CA MET B 321 10.68 -10.02 10.20
C MET B 321 10.07 -9.36 11.49
N SER B 322 10.84 -8.55 12.20
CA SER B 322 10.34 -7.90 13.44
C SER B 322 8.92 -7.25 13.44
N THR B 323 8.50 -6.66 12.33
CA THR B 323 7.25 -5.90 12.37
C THR B 323 6.06 -6.82 12.39
N GLU B 324 6.24 -8.08 11.97
CA GLU B 324 5.12 -9.00 11.86
C GLU B 324 4.64 -9.14 13.27
N ILE B 325 5.61 -9.32 14.15
CA ILE B 325 5.30 -9.48 15.55
C ILE B 325 5.03 -8.13 16.23
N GLY B 326 6.03 -7.24 16.18
CA GLY B 326 6.03 -6.07 17.04
C GLY B 326 5.03 -5.04 16.62
N THR B 327 4.64 -5.03 15.34
CA THR B 327 3.61 -4.09 14.88
C THR B 327 2.24 -4.76 14.77
N ARG B 328 2.06 -5.66 13.81
CA ARG B 328 0.81 -6.42 13.63
C ARG B 328 0.31 -7.20 14.83
N ASN B 329 1.04 -8.21 15.32
CA ASN B 329 0.47 -9.16 16.24
C ASN B 329 0.25 -8.52 17.59
N LEU B 330 1.09 -7.56 17.93
CA LEU B 330 0.99 -6.91 19.22
C LEU B 330 0.22 -5.62 19.19
N CYS B 331 0.27 -4.90 18.10
CA CYS B 331 -0.37 -3.56 18.05
C CYS B 331 -1.65 -3.43 17.20
N ASP B 332 -1.94 -4.40 16.32
CA ASP B 332 -3.23 -4.40 15.67
C ASP B 332 -4.33 -4.32 16.71
N PRO B 333 -5.34 -3.49 16.39
CA PRO B 333 -6.36 -3.26 17.37
C PRO B 333 -7.20 -4.50 17.56
N HIS B 334 -7.26 -5.33 16.51
CA HIS B 334 -7.94 -6.64 16.60
C HIS B 334 -7.03 -7.82 16.95
N ARG B 335 -5.79 -7.53 17.35
CA ARG B 335 -4.95 -8.55 17.91
C ARG B 335 -4.78 -8.34 19.43
N TYR B 336 -3.53 -8.51 19.91
CA TYR B 336 -3.23 -8.37 21.32
C TYR B 336 -3.47 -6.94 21.74
N ASN B 337 -3.38 -6.04 20.76
CA ASN B 337 -3.81 -4.63 20.90
C ASN B 337 -3.18 -3.84 22.07
N ILE B 338 -1.85 -3.83 22.18
CA ILE B 338 -1.14 -3.37 23.38
C ILE B 338 -0.70 -1.91 23.44
N LEU B 339 -0.73 -1.19 22.32
CA LEU B 339 -0.42 0.24 22.30
C LEU B 339 -0.83 0.96 23.63
N GLU B 340 -2.08 0.91 24.00
CA GLU B 340 -2.46 1.85 25.03
C GLU B 340 -1.74 1.46 26.38
N ASP B 341 -1.87 0.21 26.83
CA ASP B 341 -0.99 -0.29 27.92
C ASP B 341 0.44 0.25 27.95
N VAL B 342 1.13 0.21 26.82
CA VAL B 342 2.52 0.67 26.78
C VAL B 342 2.62 2.18 26.87
N ALA B 343 1.77 2.85 26.12
CA ALA B 343 1.84 4.26 26.05
C ALA B 343 1.69 4.77 27.46
N VAL B 344 0.81 4.12 28.23
CA VAL B 344 0.49 4.48 29.62
C VAL B 344 1.69 4.26 30.50
N CAS B 345 2.35 3.14 30.31
CA CAS B 345 3.52 2.87 31.08
CB CAS B 345 3.96 1.41 30.84
C CAS B 345 4.61 3.88 30.71
O CAS B 345 5.30 4.39 31.57
SG CAS B 345 2.91 0.15 31.63
AS CAS B 345 3.81 0.61 34.26
CE1 CAS B 345 2.26 -0.51 34.85
CE2 CAS B 345 3.77 2.57 34.64
N MET B 346 4.69 4.19 29.41
CA MET B 346 5.69 5.14 28.85
C MET B 346 5.48 6.57 29.27
N ASP B 347 4.35 6.83 29.95
CA ASP B 347 4.04 8.14 30.50
C ASP B 347 3.54 9.22 29.49
N LEU B 348 2.95 8.79 28.37
CA LEU B 348 2.62 9.66 27.24
C LEU B 348 1.19 10.21 27.29
N ASP B 349 0.97 11.37 26.66
CA ASP B 349 -0.39 11.94 26.56
C ASP B 349 -1.32 11.06 25.68
N THR B 350 -2.05 10.19 26.38
CA THR B 350 -2.93 9.16 25.80
C THR B 350 -4.16 9.77 25.14
N ARG B 351 -4.39 11.06 25.38
CA ARG B 351 -5.71 11.65 25.21
C ARG B 351 -5.94 12.31 23.87
N THR B 352 -4.87 12.53 23.11
CA THR B 352 -4.96 13.22 21.82
C THR B 352 -4.01 12.58 20.80
N THR B 353 -4.42 12.57 19.54
CA THR B 353 -3.68 11.85 18.49
C THR B 353 -2.43 12.63 18.07
N SER B 354 -2.47 13.94 18.34
CA SER B 354 -1.44 14.90 17.94
C SER B 354 -0.12 14.67 18.64
N SER B 355 -0.16 14.03 19.81
CA SER B 355 1.04 13.70 20.60
C SER B 355 1.83 12.53 19.97
N LEU B 356 1.23 11.88 18.98
CA LEU B 356 1.90 10.79 18.31
C LEU B 356 2.28 9.66 19.26
N TRP B 357 1.51 9.47 20.35
CA TRP B 357 1.83 8.45 21.34
C TRP B 357 1.89 7.07 20.76
N LYS B 358 1.03 6.82 19.77
CA LYS B 358 0.99 5.51 19.12
C LYS B 358 2.26 5.19 18.38
N ASP B 359 2.66 6.14 17.54
CA ASP B 359 3.90 6.06 16.77
C ASP B 359 5.06 5.87 17.74
N LYS B 360 5.04 6.63 18.83
CA LYS B 360 6.13 6.49 19.82
C LYS B 360 6.17 5.11 20.48
N ALA B 361 5.02 4.60 20.93
CA ALA B 361 4.96 3.28 21.57
C ALA B 361 5.26 2.20 20.55
N ALA B 362 4.71 2.36 19.34
CA ALA B 362 4.95 1.33 18.33
C ALA B 362 6.42 1.06 18.18
N VAL B 363 7.19 2.15 18.16
CA VAL B 363 8.62 2.12 17.94
C VAL B 363 9.37 1.39 19.02
N GLU B 364 9.03 1.66 20.30
CA GLU B 364 9.64 0.93 21.36
C GLU B 364 9.34 -0.56 21.26
N ILE B 365 8.11 -0.89 20.90
CA ILE B 365 7.63 -2.28 20.85
C ILE B 365 8.34 -3.04 19.79
N ASN B 366 8.51 -2.42 18.61
CA ASN B 366 9.39 -3.07 17.62
C ASN B 366 10.83 -3.17 18.15
N LEU B 367 11.31 -2.12 18.82
CA LEU B 367 12.67 -2.16 19.37
C LEU B 367 12.82 -3.33 20.32
N ALA B 368 11.77 -3.60 21.09
CA ALA B 368 11.90 -4.61 22.15
C ALA B 368 11.86 -5.99 21.54
N VAL B 369 11.19 -6.13 20.40
CA VAL B 369 11.12 -7.45 19.77
C VAL B 369 12.50 -7.75 19.24
N LEU B 370 13.15 -6.72 18.70
CA LEU B 370 14.47 -6.93 18.10
C LEU B 370 15.52 -7.20 19.17
N HIS B 371 15.63 -6.32 20.17
CA HIS B 371 16.47 -6.60 21.33
C HIS B 371 16.25 -7.98 21.92
N SER B 372 14.99 -8.33 22.13
CA SER B 372 14.68 -9.59 22.80
C SER B 372 15.06 -10.81 21.99
N PHE B 373 14.78 -10.82 20.69
CA PHE B 373 15.24 -11.93 19.86
C PHE B 373 16.76 -12.06 19.80
N GLN B 374 17.44 -10.91 19.69
CA GLN B 374 18.91 -10.88 19.54
C GLN B 374 19.59 -11.29 20.84
N LEU B 375 18.99 -10.92 21.97
CA LEU B 375 19.44 -11.41 23.28
C LEU B 375 19.22 -12.95 23.48
N ALA B 376 18.30 -13.55 22.72
CA ALA B 376 18.06 -14.99 22.80
C ALA B 376 18.77 -15.76 21.68
N LYS B 377 19.52 -15.03 20.85
CA LYS B 377 20.29 -15.61 19.73
C LYS B 377 19.35 -16.38 18.83
N VAL B 378 18.20 -15.76 18.62
CA VAL B 378 17.19 -16.32 17.77
C VAL B 378 17.04 -15.41 16.54
N THR B 379 17.14 -16.00 15.37
CA THR B 379 17.12 -15.25 14.16
C THR B 379 15.90 -14.35 14.03
N ILE B 380 16.15 -13.10 13.69
CA ILE B 380 15.11 -12.13 13.33
C ILE B 380 15.73 -11.15 12.33
N VAL B 381 14.93 -10.63 11.43
CA VAL B 381 15.43 -9.58 10.52
C VAL B 381 14.57 -8.34 10.75
N ASP B 382 15.16 -7.14 10.89
CA ASP B 382 14.37 -5.90 10.98
C ASP B 382 13.82 -5.45 9.63
N HIS B 383 12.87 -4.51 9.63
CA HIS B 383 12.22 -4.08 8.42
C HIS B 383 13.11 -3.29 7.47
N HIS B 384 14.10 -2.61 8.00
CA HIS B 384 15.00 -1.89 7.12
C HIS B 384 15.91 -2.85 6.39
N ALA B 385 16.46 -3.82 7.11
CA ALA B 385 17.41 -4.72 6.53
C ALA B 385 16.70 -5.59 5.51
N ALA B 386 15.52 -6.08 5.88
CA ALA B 386 14.68 -6.93 5.01
C ALA B 386 14.31 -6.27 3.70
N THR B 387 13.80 -5.04 3.75
CA THR B 387 13.46 -4.32 2.51
C THR B 387 14.69 -3.98 1.68
N VAL B 388 15.84 -3.77 2.33
CA VAL B 388 17.08 -3.59 1.57
C VAL B 388 17.37 -4.89 0.83
N SER B 389 17.19 -6.02 1.48
CA SER B 389 17.53 -7.25 0.78
C SER B 389 16.47 -7.58 -0.28
N PHE B 390 15.22 -7.15 -0.04
CA PHE B 390 14.22 -7.29 -1.07
C PHE B 390 14.59 -6.49 -2.32
N MET B 391 15.07 -5.24 -2.16
CA MET B 391 15.63 -4.55 -3.33
C MET B 391 16.66 -5.37 -4.10
N LYS B 392 17.57 -6.02 -3.38
CA LYS B 392 18.60 -6.74 -4.14
C LYS B 392 17.91 -7.82 -4.96
N HIS B 393 17.01 -8.53 -4.31
CA HIS B 393 16.23 -9.58 -4.94
C HIS B 393 15.55 -9.15 -6.21
N LEU B 394 14.84 -8.00 -6.15
CA LEU B 394 14.15 -7.44 -7.32
C LEU B 394 15.17 -7.26 -8.43
N ASP B 395 16.30 -6.62 -8.09
CA ASP B 395 17.44 -6.52 -9.00
C ASP B 395 17.94 -7.87 -9.53
N ASN B 396 18.12 -8.89 -8.69
CA ASN B 396 18.60 -10.20 -9.24
C ASN B 396 17.57 -10.82 -10.18
N GLU B 397 16.30 -10.62 -9.85
CA GLU B 397 15.25 -11.23 -10.65
C GLU B 397 15.02 -10.48 -11.95
N GLN B 398 15.25 -9.17 -11.97
CA GLN B 398 15.24 -8.45 -13.26
C GLN B 398 16.16 -9.10 -14.27
N LYS B 399 17.42 -9.29 -13.89
CA LYS B 399 18.41 -9.96 -14.75
C LYS B 399 18.06 -11.41 -15.00
N ALA B 400 17.53 -12.10 -14.04
CA ALA B 400 17.34 -13.54 -14.21
C ALA B 400 16.10 -13.90 -15.04
N ARG B 401 15.00 -13.16 -14.87
CA ARG B 401 13.70 -13.57 -15.46
C ARG B 401 12.95 -12.50 -16.21
N GLY B 402 13.34 -11.23 -16.07
CA GLY B 402 12.68 -10.12 -16.74
C GLY B 402 11.61 -9.51 -15.87
N GLY B 403 11.70 -9.71 -14.55
CA GLY B 403 10.77 -9.07 -13.64
C GLY B 403 10.59 -9.80 -12.33
N CYS B 404 9.60 -9.38 -11.57
CA CYS B 404 9.35 -10.01 -10.29
C CYS B 404 7.98 -9.63 -9.82
N PRO B 405 7.05 -10.61 -9.86
CA PRO B 405 5.70 -10.44 -9.33
C PRO B 405 5.81 -10.01 -7.85
N ALA B 406 5.20 -8.89 -7.49
CA ALA B 406 5.39 -8.29 -6.16
C ALA B 406 4.11 -7.51 -5.82
N ASP B 407 3.69 -7.59 -4.54
CA ASP B 407 2.43 -6.96 -4.10
C ASP B 407 2.82 -5.87 -3.09
N TRP B 408 2.72 -4.66 -3.61
CA TRP B 408 3.32 -3.51 -2.97
C TRP B 408 2.81 -3.36 -1.57
N ALA B 409 1.51 -3.54 -1.40
CA ALA B 409 0.81 -3.28 -0.15
C ALA B 409 1.18 -4.24 0.90
N TRP B 410 1.74 -5.39 0.48
CA TRP B 410 2.26 -6.46 1.40
C TRP B 410 3.74 -6.46 1.60
N ILE B 411 4.46 -5.72 0.80
CA ILE B 411 5.91 -5.71 0.91
C ILE B 411 6.32 -4.49 1.71
N VAL B 412 5.53 -3.41 1.70
CA VAL B 412 5.87 -2.24 2.49
C VAL B 412 5.57 -2.55 4.00
N PRO B 413 6.53 -2.34 4.89
CA PRO B 413 6.19 -2.62 6.29
C PRO B 413 5.00 -1.82 6.84
N PRO B 414 4.39 -2.34 7.91
CA PRO B 414 3.30 -1.66 8.62
C PRO B 414 3.68 -0.33 9.30
N ILE B 415 4.98 -0.07 9.49
CA ILE B 415 5.47 1.21 10.03
C ILE B 415 6.56 1.70 9.13
N SER B 416 6.84 3.01 9.13
CA SER B 416 8.05 3.55 8.52
C SER B 416 8.13 3.29 7.01
N GLY B 417 6.97 3.16 6.40
CA GLY B 417 6.85 2.82 5.02
C GLY B 417 7.81 3.58 4.13
N SER B 418 7.74 4.91 4.15
CA SER B 418 8.49 5.71 3.17
C SER B 418 9.93 5.78 3.55
N LEU B 419 10.23 5.37 4.80
CA LEU B 419 11.58 5.20 5.30
C LEU B 419 12.30 3.91 4.81
N THR B 420 11.62 3.03 4.08
CA THR B 420 12.32 1.88 3.48
C THR B 420 12.39 2.01 1.97
N PRO B 421 13.32 1.31 1.31
CA PRO B 421 13.36 1.66 -0.12
C PRO B 421 12.21 1.11 -0.94
N VAL B 422 11.52 0.08 -0.44
CA VAL B 422 10.40 -0.50 -1.20
C VAL B 422 9.26 0.49 -1.40
N PHE B 423 9.03 1.35 -0.41
CA PHE B 423 7.97 2.30 -0.52
C PHE B 423 8.03 2.99 -1.87
N HIS B 424 9.25 3.25 -2.37
CA HIS B 424 9.50 4.11 -3.56
C HIS B 424 9.63 3.39 -4.87
N GLN B 425 9.44 2.08 -4.79
CA GLN B 425 9.65 1.15 -5.88
C GLN B 425 8.29 0.69 -6.37
N GLU B 426 7.96 1.03 -7.63
CA GLU B 426 6.79 0.52 -8.31
C GLU B 426 6.98 -0.97 -8.38
N MET B 427 5.89 -1.73 -8.38
CA MET B 427 5.88 -3.20 -8.36
C MET B 427 4.65 -3.65 -9.15
N VAL B 428 4.84 -4.70 -9.94
CA VAL B 428 3.79 -5.27 -10.76
C VAL B 428 3.41 -6.56 -10.07
N ASN B 429 2.10 -6.81 -9.90
CA ASN B 429 1.68 -8.02 -9.19
C ASN B 429 0.96 -9.00 -10.06
N TYR B 430 1.30 -10.29 -9.96
CA TYR B 430 0.62 -11.29 -10.82
C TYR B 430 0.96 -12.68 -10.42
N ILE B 431 0.19 -13.63 -10.93
CA ILE B 431 0.32 -15.05 -10.54
C ILE B 431 1.18 -15.89 -11.51
N LEU B 432 2.28 -16.46 -10.99
CA LEU B 432 3.10 -17.40 -11.74
C LEU B 432 2.99 -18.74 -11.06
N SER B 433 3.13 -19.84 -11.82
CA SER B 433 3.13 -21.22 -11.25
C SER B 433 4.52 -21.85 -11.29
N PRO B 434 4.93 -22.65 -10.27
CA PRO B 434 4.37 -23.03 -9.00
C PRO B 434 3.96 -21.82 -8.17
N ALA B 435 3.25 -22.07 -7.06
CA ALA B 435 2.52 -21.05 -6.31
C ALA B 435 1.97 -21.58 -4.99
N PHE B 436 2.10 -20.80 -3.92
CA PHE B 436 1.23 -20.94 -2.75
C PHE B 436 -0.07 -20.19 -3.03
N ARG B 437 -1.20 -20.83 -2.75
CA ARG B 437 -2.53 -20.23 -2.86
C ARG B 437 -3.22 -20.44 -1.52
N TYR B 438 -4.24 -19.62 -1.27
CA TYR B 438 -5.07 -19.80 -0.11
C TYR B 438 -6.05 -20.87 -0.48
N GLN B 439 -6.61 -21.53 0.52
CA GLN B 439 -7.65 -22.51 0.27
C GLN B 439 -8.70 -22.46 1.41
N PRO B 440 -9.88 -23.04 1.18
CA PRO B 440 -10.96 -22.94 2.18
C PRO B 440 -10.57 -23.66 3.44
N ASP B 441 -11.18 -23.29 4.56
CA ASP B 441 -10.96 -23.95 5.84
C ASP B 441 -11.70 -25.26 5.76
N PRO B 442 -11.10 -26.34 6.30
CA PRO B 442 -11.57 -27.72 6.08
C PRO B 442 -12.89 -28.07 6.73
N TRP B 443 -13.41 -27.20 7.59
CA TRP B 443 -14.61 -27.49 8.43
C TRP B 443 -15.85 -26.66 8.14
N ARG C . 2.12 16.49 -1.23
CA ARG C . 2.22 17.88 -1.63
C ARG C . 3.06 18.65 -0.63
O ARG C . 3.47 18.06 0.41
CB ARG C . 0.82 18.53 -1.62
CG ARG C . -0.36 17.69 -2.10
CD ARG C . -1.67 18.35 -1.70
NE ARG C . -1.84 18.10 -0.25
CZ ARG C . -2.90 18.55 0.42
NH1 ARG C . -3.08 18.32 1.72
NH2 ARG C . -3.81 19.25 -0.28
OXT ARG C . 3.26 19.89 -0.83
CHA HEM D . -3.93 14.24 -2.73
CHB HEM D . -5.00 15.51 1.99
CHC HEM D . -7.80 19.03 0.35
CHD HEM D . -7.48 16.93 -4.14
C1A HEM D . -3.93 14.43 -1.33
C2A HEM D . -2.89 13.74 -0.54
C3A HEM D . -3.14 14.07 0.87
C4A HEM D . -4.33 14.98 0.80
CMA HEM D . -2.34 13.54 2.04
CAA HEM D . -1.79 12.88 -1.09
CBA HEM D . -0.65 13.89 -1.06
CGA HEM D . 0.68 13.35 -1.52
O1A HEM D . 1.19 13.87 -2.54
O2A HEM D . 1.19 12.44 -0.84
C1B HEM D . -5.89 16.60 1.93
C2B HEM D . -6.14 17.36 3.18
C3B HEM D . -7.00 18.40 2.67
C4B HEM D . -7.11 18.10 1.23
CMB HEM D . -5.67 17.08 4.57
CAB HEM D . -7.59 19.49 3.45
CBB HEM D . -8.74 20.01 3.07
C1C HEM D . -7.91 18.85 -1.07
C2C HEM D . -8.71 19.74 -1.96
C3C HEM D . -8.60 19.09 -3.29
C4C HEM D . -7.75 17.91 -3.11
CMC HEM D . -9.44 20.99 -1.60
CAC HEM D . -9.22 19.53 -4.58
CBC HEM D . -10.32 20.27 -4.63
C1D HEM D . -6.43 16.00 -4.14
C2D HEM D . -5.96 15.42 -5.44
C3D HEM D . -4.85 14.60 -5.00
C4D HEM D . -4.89 14.84 -3.54
CMD HEM D . -6.48 15.67 -6.82
CAD HEM D . -3.91 13.75 -5.79
CBD HEM D . -2.74 14.61 -6.29
CGD HEM D . -1.69 13.73 -6.95
O1D HEM D . -2.06 12.69 -7.58
O2D HEM D . -0.50 14.07 -6.81
NA HEM D . -4.76 15.31 -0.56
NB HEM D . -6.41 17.04 0.81
NC HEM D . -7.24 17.82 -1.76
ND HEM D . -5.81 15.69 -3.05
FE HEM D . -6.38 16.24 -1.11
O04 WS6 E . 3.93 10.58 -3.36
C04 WS6 E . 3.11 9.75 -2.87
N03 WS6 E . 2.07 10.16 -2.11
C02 WS6 E . 1.19 9.29 -1.58
N02 WS6 E . 0.17 9.77 -0.81
N01 WS6 E . 1.30 7.95 -1.78
C01 WS6 E . 2.28 7.39 -2.52
C4A WS6 E . 3.27 8.30 -3.11
N05 WS6 E . 4.27 7.79 -3.84
N10 WS6 E . 2.36 6.09 -2.72
C9A WS6 E . 3.46 5.49 -3.48
C09 WS6 E . 3.04 4.54 -4.62
C11 WS6 E . 4.31 4.80 -2.44
C5A WS6 E . 4.39 6.47 -4.08
C06 WS6 E . 5.52 5.92 -4.89
O06 WS6 E . 6.60 6.51 -4.84
C07 WS6 E . 5.36 4.63 -5.68
C08 WS6 E . 4.24 3.72 -5.14
C ACT F . 6.79 4.94 12.62
O ACT F . 6.49 4.49 11.50
OXT ACT F . 6.02 4.91 13.59
CH3 ACT F . 8.15 5.54 12.84
C1 GOL G . 8.40 11.70 -5.57
O1 GOL G . 9.22 11.28 -6.68
C2 GOL G . 7.32 10.62 -5.54
O2 GOL G . 7.25 9.97 -4.25
C3 GOL G . 6.02 11.29 -5.92
O3 GOL G . 5.16 10.17 -6.13
ZN ZN H . -4.93 -3.64 -9.69
N ARG I . 2.83 -12.74 9.80
CA ARG I . 2.66 -14.07 10.34
C ARG I . 2.87 -14.05 11.87
O ARG I . 3.07 -12.96 12.51
CB ARG I . 3.66 -15.02 9.71
CG ARG I . 3.63 -14.99 8.19
CD ARG I . 4.71 -15.85 7.60
NE ARG I . 5.93 -15.22 8.10
CZ ARG I . 7.18 -15.27 7.64
NH1 ARG I . 8.12 -14.59 8.28
NH2 ARG I . 7.48 -15.97 6.53
OXT ARG I . 2.83 -15.16 12.45
CHA HEM J . 4.60 -13.67 3.27
CHB HEM J . 9.02 -12.57 5.25
CHC HEM J . 10.41 -17.09 4.36
CHD HEM J . 6.30 -17.89 1.65
C1A HEM J . 5.63 -13.04 4.06
C2A HEM J . 5.38 -11.82 4.83
C3A HEM J . 6.67 -11.48 5.43
C4A HEM J . 7.60 -12.54 4.96
CMA HEM J . 6.89 -10.26 6.31
CAA HEM J . 4.07 -11.11 5.03
CBA HEM J . 3.53 -11.98 6.17
CGA HEM J . 2.28 -11.52 6.90
O1A HEM J . 2.13 -10.29 7.18
O2A HEM J . 1.48 -12.44 7.21
C1B HEM J . 9.79 -13.77 5.23
C2B HEM J . 11.07 -13.87 5.99
C3B HEM J . 11.44 -15.23 5.71
C4B HEM J . 10.37 -15.70 4.81
CMB HEM J . 11.77 -12.87 6.82
CAB HEM J . 12.66 -15.96 6.17
CBB HEM J . 13.48 -16.49 5.27
C1C HEM J . 9.38 -17.73 3.59
C2C HEM J . 9.45 -19.16 3.20
C3C HEM J . 8.23 -19.34 2.42
C4C HEM J . 7.51 -18.07 2.40
CMC HEM J . 10.49 -20.20 3.51
CAC HEM J . 7.80 -20.58 1.74
CBC HEM J . 8.65 -21.57 1.66
C1D HEM J . 5.43 -16.75 1.93
C2D HEM J . 4.03 -16.86 1.46
C3D HEM J . 3.50 -15.59 1.94
C4D HEM J . 4.69 -14.94 2.59
CMD HEM J . 3.32 -17.97 0.73
CAD HEM J . 2.08 -15.13 1.78
CBD HEM J . 1.58 -14.95 3.19
CGD HEM J . 0.09 -15.08 3.21
O1D HEM J . -0.32 -15.29 4.37
O2D HEM J . -0.57 -14.98 2.13
NA HEM J . 6.99 -13.55 4.17
NB HEM J . 9.36 -14.84 4.57
NC HEM J . 8.15 -17.07 3.22
ND HEM J . 5.83 -15.65 2.63
FE HEM J . 7.75 -15.15 3.29
O04 WS6 K . -1.83 -9.04 6.79
C04 WS6 K . -1.19 -8.32 6.00
N03 WS6 K . 0.15 -8.45 5.85
C02 WS6 K . 0.88 -7.66 5.03
N02 WS6 K . 2.24 -7.86 4.91
N01 WS6 K . 0.29 -6.69 4.27
C01 WS6 K . -1.05 -6.44 4.32
C4A WS6 K . -1.88 -7.25 5.22
N05 WS6 K . -3.19 -7.01 5.30
N10 WS6 K . -1.62 -5.50 3.57
C9A WS6 K . -3.04 -5.19 3.66
C09 WS6 K . -3.76 -5.18 2.33
C11 WS6 K . -3.10 -3.87 4.42
C5A WS6 K . -3.80 -6.06 4.56
C06 WS6 K . -5.28 -5.78 4.67
O06 WS6 K . -5.84 -5.86 5.76
C07 WS6 K . -6.06 -5.34 3.44
C08 WS6 K . -5.16 -4.58 2.45
C ACT L . 15.95 -11.72 5.03
O ACT L . 16.37 -11.88 6.20
OXT ACT L . 16.25 -10.70 4.36
CH3 ACT L . 15.06 -12.77 4.43
C1 GOL M . -4.91 -10.57 10.54
O1 GOL M . -5.79 -10.53 11.68
C2 GOL M . -5.55 -9.86 9.34
O2 GOL M . -5.31 -8.44 9.40
C3 GOL M . -5.02 -10.50 8.05
O3 GOL M . -4.69 -9.51 7.07
#